data_6G4N
#
_entry.id   6G4N
#
_cell.length_a   91.807
_cell.length_b   107.208
_cell.length_c   150.450
_cell.angle_alpha   90.00
_cell.angle_beta   90.00
_cell.angle_gamma   90.00
#
_symmetry.space_group_name_H-M   'P 21 21 21'
#
loop_
_entity.id
_entity.type
_entity.pdbx_description
1 polymer Acetylcholinesterase
2 non-polymer 2-acetamido-2-deoxy-beta-D-glucopyranose
3 non-polymer 6-[4-[(7-chloranyl-1,2,3,4-tetrahydroacridin-9-yl)amino]butyl]-2-[(oxidanylamino)methyl]pyridin-3-ol
4 non-polymer 'CHLORIDE ION'
5 water water
#
_entity_poly.entity_id   1
_entity_poly.type   'polypeptide(L)'
_entity_poly.pdbx_seq_one_letter_code
;DDHSELLVNTKSGKVMGTRVPVLSSHISAFLGIPFAEPPVGNMRFRRPEPKKPWSGVWNASTYPNNCQQYVDEQFPGFSG
SEMWNPNREMSEDCLYLNIWVPSPRPKSTTVMVWIYGGGFYSGSSTLDVYNGKYLAYTEEVVLVSLSYRVGAFGFLALHG
SQEAPGNVGLLDQRMALQWVHDNIQFFGGDPKTVTIFGESAGGASVGMHILSPGSRDLFRRAILQSGSPNCPWASVSVAE
GRRRAVELGRNLNCNLNSDEELIHCLREKKPQELIDVEWNVLPFDSIFRFSFVPVIDGEFFPTSLESMLNSGNFKKTQIL
LGVNKDEGSFFLLYGAPGFSKDSESKISREDFMSGVKLSVPHANDLGLDAVTLQYTDWMDDNNGIKNRDGLDDIVGDHNV
ICPLMHFVNKYTKFGNGTYLYFFNHRASNLVWPEWMGVIHGYEIEFVFGLPLVKELNYTAEEEALSRRIMHYWATFAKTG
NPNEPHSQESKWPLFTTKEQKFIDLNTEPMKVHQRLRVQMCVFWNQFLPKLLNATAC
;
_entity_poly.pdbx_strand_id   A,B
#
loop_
_chem_comp.id
_chem_comp.type
_chem_comp.name
_chem_comp.formula
CL non-polymer 'CHLORIDE ION' 'Cl -1'
E2W non-polymer 6-[4-[(7-chloranyl-1,2,3,4-tetrahydroacridin-9-yl)amino]butyl]-2-[(oxidanylamino)methyl]pyridin-3-ol 'C23 H27 Cl N4 O2'
NAG D-saccharide, beta linking 2-acetamido-2-deoxy-beta-D-glucopyranose 'C8 H15 N O6'
#
# COMPACT_ATOMS: atom_id res chain seq x y z
N SER A 4 7.35 -47.04 45.51
CA SER A 4 6.07 -46.35 45.56
C SER A 4 5.72 -45.69 44.22
N GLU A 5 4.59 -44.97 44.21
CA GLU A 5 4.12 -44.24 43.04
C GLU A 5 4.69 -42.83 42.99
N LEU A 6 4.75 -42.14 44.13
CA LEU A 6 5.37 -40.83 44.21
C LEU A 6 6.89 -40.90 44.32
N LEU A 7 7.47 -42.10 44.31
CA LEU A 7 8.91 -42.26 44.31
C LEU A 7 9.34 -42.81 42.96
N VAL A 8 10.18 -42.07 42.26
CA VAL A 8 10.63 -42.39 40.92
C VAL A 8 12.15 -42.31 40.92
N ASN A 9 12.80 -43.29 40.28
CA ASN A 9 14.25 -43.39 40.30
C ASN A 9 14.78 -43.16 38.89
N THR A 10 15.25 -41.94 38.65
CA THR A 10 15.85 -41.55 37.39
C THR A 10 17.30 -41.99 37.34
N LYS A 11 17.91 -41.76 36.16
CA LYS A 11 19.29 -42.14 35.93
C LYS A 11 20.28 -41.27 36.67
N SER A 12 19.84 -40.15 37.24
CA SER A 12 20.70 -39.33 38.07
C SER A 12 20.39 -39.45 39.56
N GLY A 13 19.27 -40.04 39.93
CA GLY A 13 18.95 -40.19 41.34
C GLY A 13 17.47 -40.37 41.58
N LYS A 14 17.15 -40.63 42.83
CA LYS A 14 15.77 -40.79 43.24
C LYS A 14 15.15 -39.42 43.51
N VAL A 15 13.86 -39.31 43.21
CA VAL A 15 13.09 -38.11 43.47
C VAL A 15 11.77 -38.54 44.09
N MET A 16 11.27 -37.72 45.01
CA MET A 16 10.02 -37.99 45.71
C MET A 16 9.08 -36.83 45.42
N GLY A 17 8.00 -37.12 44.72
CA GLY A 17 7.01 -36.13 44.35
C GLY A 17 6.01 -35.88 45.46
N THR A 18 4.86 -35.36 45.05
CA THR A 18 3.78 -35.03 45.97
C THR A 18 2.45 -35.20 45.25
N ARG A 19 1.43 -35.56 46.01
CA ARG A 19 0.08 -35.81 45.49
C ARG A 19 -0.70 -34.50 45.59
N VAL A 20 -0.80 -33.78 44.47
CA VAL A 20 -1.46 -32.48 44.41
C VAL A 20 -2.90 -32.70 43.99
N PRO A 21 -3.84 -31.92 44.50
CA PRO A 21 -5.22 -32.06 44.03
C PRO A 21 -5.47 -31.16 42.84
N VAL A 22 -6.30 -31.65 41.93
CA VAL A 22 -6.75 -30.91 40.78
C VAL A 22 -8.22 -31.28 40.58
N LEU A 23 -9.12 -30.33 40.81
CA LEU A 23 -10.57 -30.46 40.59
C LEU A 23 -11.16 -31.80 41.03
N SER A 24 -11.76 -31.87 42.22
CA SER A 24 -12.51 -33.08 42.56
C SER A 24 -11.62 -34.32 42.65
N SER A 25 -10.31 -34.16 42.48
CA SER A 25 -9.42 -35.32 42.36
C SER A 25 -7.98 -34.89 42.62
N HIS A 26 -7.04 -35.77 42.26
CA HIS A 26 -5.63 -35.57 42.56
C HIS A 26 -4.81 -36.20 41.44
N ILE A 27 -3.58 -35.72 41.29
CA ILE A 27 -2.58 -36.31 40.41
C ILE A 27 -1.23 -36.08 41.05
N SER A 28 -0.18 -36.60 40.43
CA SER A 28 1.17 -36.53 40.96
C SER A 28 1.94 -35.39 40.31
N ALA A 29 2.84 -34.81 41.09
CA ALA A 29 3.70 -33.74 40.61
C ALA A 29 5.09 -33.93 41.18
N PHE A 30 6.10 -33.66 40.36
CA PHE A 30 7.49 -33.74 40.79
C PHE A 30 8.14 -32.42 40.40
N LEU A 31 8.23 -31.50 41.35
CA LEU A 31 8.58 -30.12 41.09
C LEU A 31 10.04 -29.84 41.44
N GLY A 32 10.70 -29.03 40.62
CA GLY A 32 12.04 -28.60 40.92
C GLY A 32 13.11 -29.65 40.71
N ILE A 33 12.95 -30.51 39.70
CA ILE A 33 13.92 -31.58 39.45
C ILE A 33 15.14 -30.99 38.75
N PRO A 34 16.33 -31.15 39.31
CA PRO A 34 17.54 -30.64 38.66
C PRO A 34 17.75 -31.37 37.35
N PHE A 35 18.25 -30.64 36.36
CA PHE A 35 18.63 -31.26 35.08
C PHE A 35 19.98 -30.83 34.57
N ALA A 36 20.59 -29.78 35.12
CA ALA A 36 21.97 -29.43 34.79
C ALA A 36 22.73 -29.09 36.06
N GLU A 37 24.03 -28.91 35.95
CA GLU A 37 24.81 -28.53 37.09
C GLU A 37 24.51 -27.07 37.25
N PRO A 38 24.43 -26.58 38.53
CA PRO A 38 24.13 -25.14 38.62
C PRO A 38 25.13 -24.30 37.88
N PRO A 39 24.63 -23.35 37.02
CA PRO A 39 25.64 -22.57 36.31
C PRO A 39 26.07 -21.27 36.94
N VAL A 40 26.92 -21.36 37.94
CA VAL A 40 27.36 -20.20 38.64
C VAL A 40 28.84 -20.08 38.64
N GLY A 41 29.33 -18.91 38.99
CA GLY A 41 30.75 -18.60 39.03
C GLY A 41 31.36 -18.70 37.65
N ASN A 42 32.50 -19.38 37.58
CA ASN A 42 33.17 -19.71 36.33
C ASN A 42 32.22 -20.24 35.27
N MET A 43 31.05 -20.69 35.66
CA MET A 43 30.17 -21.35 34.74
C MET A 43 29.08 -20.44 34.21
N ARG A 44 29.13 -19.16 34.58
CA ARG A 44 28.24 -18.19 33.96
C ARG A 44 28.63 -17.99 32.49
N PHE A 45 27.61 -17.97 31.62
CA PHE A 45 27.67 -17.73 30.16
C PHE A 45 28.12 -18.96 29.41
N ARG A 46 28.15 -20.14 30.03
CA ARG A 46 28.65 -21.32 29.35
C ARG A 46 27.56 -22.36 29.16
N ARG A 47 27.86 -23.28 28.25
CA ARG A 47 26.96 -24.38 27.94
C ARG A 47 26.61 -25.12 29.23
N PRO A 48 25.36 -25.57 29.38
CA PRO A 48 25.01 -26.36 30.55
C PRO A 48 25.87 -27.59 30.62
N GLU A 49 26.07 -28.09 31.85
CA GLU A 49 26.61 -29.42 32.10
C GLU A 49 25.57 -30.28 32.79
N PRO A 50 25.40 -31.54 32.40
CA PRO A 50 24.30 -32.34 32.96
C PRO A 50 24.48 -32.53 34.45
N LYS A 51 23.37 -32.44 35.17
CA LYS A 51 23.39 -32.58 36.63
C LYS A 51 24.11 -33.86 37.01
N LYS A 52 25.08 -33.73 37.91
CA LYS A 52 25.78 -34.90 38.42
C LYS A 52 24.85 -35.69 39.34
N PRO A 53 24.93 -37.02 39.32
CA PRO A 53 23.96 -37.84 40.07
C PRO A 53 24.06 -37.64 41.56
N TRP A 54 22.90 -37.68 42.24
CA TRP A 54 22.86 -37.52 43.68
C TRP A 54 22.47 -38.81 44.37
N SER A 55 22.86 -38.90 45.63
CA SER A 55 22.53 -40.02 46.50
C SER A 55 21.34 -39.66 47.38
N GLY A 56 20.59 -40.66 47.79
CA GLY A 56 19.38 -40.39 48.54
C GLY A 56 18.30 -39.83 47.63
N VAL A 57 17.28 -39.25 48.26
CA VAL A 57 16.05 -38.87 47.60
C VAL A 57 15.96 -37.35 47.49
N TRP A 58 15.93 -36.84 46.26
CA TRP A 58 15.73 -35.41 46.01
C TRP A 58 14.28 -35.05 46.30
N ASN A 59 14.08 -34.12 47.24
CA ASN A 59 12.73 -33.68 47.60
C ASN A 59 12.25 -32.78 46.47
N ALA A 60 11.27 -33.28 45.71
CA ALA A 60 10.74 -32.57 44.57
C ALA A 60 9.26 -32.30 44.81
N SER A 61 8.98 -31.59 45.89
CA SER A 61 7.62 -31.28 46.31
C SER A 61 7.30 -29.79 46.23
N THR A 62 8.28 -28.95 45.94
CA THR A 62 8.02 -27.53 45.77
C THR A 62 8.78 -27.03 44.55
N TYR A 63 8.15 -26.09 43.84
CA TYR A 63 8.71 -25.35 42.71
C TYR A 63 10.14 -24.91 42.97
N PRO A 64 10.98 -24.84 41.95
CA PRO A 64 12.36 -24.41 42.16
C PRO A 64 12.47 -22.90 42.12
N ASN A 65 13.69 -22.38 42.11
CA ASN A 65 13.83 -20.94 41.95
C ASN A 65 13.66 -20.53 40.49
N ASN A 66 13.39 -19.24 40.32
CA ASN A 66 13.32 -18.63 39.00
C ASN A 66 14.70 -18.09 38.64
N CYS A 67 14.95 -17.95 37.34
CA CYS A 67 16.24 -17.44 36.91
C CYS A 67 16.34 -15.93 37.11
N GLN A 68 17.58 -15.43 37.05
CA GLN A 68 17.82 -14.00 37.22
C GLN A 68 17.28 -13.23 36.03
N GLN A 69 16.39 -12.28 36.30
CA GLN A 69 15.70 -11.64 35.19
C GLN A 69 15.14 -10.29 35.63
N TYR A 70 14.87 -9.46 34.63
CA TYR A 70 14.25 -8.16 34.88
C TYR A 70 12.84 -8.36 35.41
N VAL A 71 12.42 -7.45 36.28
CA VAL A 71 11.16 -7.59 36.99
C VAL A 71 10.30 -6.39 36.69
N ASP A 72 9.26 -6.60 35.89
CA ASP A 72 8.38 -5.50 35.48
C ASP A 72 7.73 -4.88 36.70
N GLU A 73 8.00 -3.59 36.90
CA GLU A 73 7.38 -2.83 37.97
C GLU A 73 6.57 -1.65 37.46
N GLN A 74 6.17 -1.67 36.18
CA GLN A 74 5.40 -0.53 35.68
C GLN A 74 4.09 -0.38 36.45
N PHE A 75 3.40 -1.50 36.73
CA PHE A 75 2.10 -1.47 37.39
C PHE A 75 2.19 -2.35 38.62
N PRO A 76 2.72 -1.83 39.71
CA PRO A 76 2.81 -2.62 40.95
C PRO A 76 1.42 -2.95 41.48
N GLY A 77 1.29 -4.16 42.01
CA GLY A 77 0.01 -4.67 42.43
C GLY A 77 -0.86 -5.20 41.31
N PHE A 78 -0.69 -4.70 40.08
CA PHE A 78 -1.58 -5.05 38.98
C PHE A 78 -1.40 -6.51 38.58
N SER A 79 -2.47 -7.30 38.71
CA SER A 79 -2.38 -8.73 38.46
C SER A 79 -2.02 -9.02 37.01
N GLY A 80 -2.50 -8.20 36.08
CA GLY A 80 -2.25 -8.44 34.67
C GLY A 80 -0.79 -8.40 34.29
N SER A 81 0.00 -7.62 35.02
CA SER A 81 1.43 -7.62 34.80
C SER A 81 2.18 -8.44 35.84
N GLU A 82 1.67 -8.48 37.07
CA GLU A 82 2.29 -9.29 38.12
C GLU A 82 2.24 -10.77 37.79
N MET A 83 1.23 -11.22 37.05
CA MET A 83 1.09 -12.64 36.77
C MET A 83 2.23 -13.21 35.92
N TRP A 84 3.03 -12.36 35.25
CA TRP A 84 4.16 -12.84 34.46
C TRP A 84 5.51 -12.62 35.12
N ASN A 85 5.55 -11.99 36.31
CA ASN A 85 6.77 -11.83 37.07
C ASN A 85 7.13 -13.10 37.84
N PRO A 86 8.41 -13.29 38.15
CA PRO A 86 8.81 -14.42 39.00
C PRO A 86 8.01 -14.45 40.30
N ASN A 87 7.63 -15.65 40.74
CA ASN A 87 6.90 -15.84 41.99
C ASN A 87 7.67 -16.61 43.05
N ARG A 88 8.91 -16.98 42.80
CA ARG A 88 9.78 -17.58 43.81
C ARG A 88 11.09 -16.80 43.83
N GLU A 89 12.01 -17.24 44.67
CA GLU A 89 13.32 -16.62 44.70
C GLU A 89 13.98 -16.74 43.32
N MET A 90 14.89 -15.82 43.05
CA MET A 90 15.65 -15.80 41.78
C MET A 90 17.11 -16.11 42.06
N SER A 91 17.58 -17.23 41.50
CA SER A 91 18.98 -17.63 41.61
C SER A 91 19.54 -17.86 40.22
N GLU A 92 20.88 -17.76 40.12
CA GLU A 92 21.55 -18.32 38.96
C GLU A 92 21.42 -19.84 38.94
N ASP A 93 21.33 -20.44 40.12
CA ASP A 93 21.04 -21.86 40.25
C ASP A 93 19.55 -22.06 39.99
N CYS A 94 19.18 -22.21 38.73
CA CYS A 94 17.77 -22.19 38.36
C CYS A 94 17.38 -23.22 37.31
N LEU A 95 18.30 -24.06 36.85
CA LEU A 95 18.01 -25.00 35.77
C LEU A 95 17.38 -26.26 36.31
N TYR A 96 16.07 -26.19 36.54
CA TYR A 96 15.27 -27.28 37.03
C TYR A 96 14.02 -27.40 36.16
N LEU A 97 13.36 -28.57 36.23
CA LEU A 97 12.11 -28.79 35.50
C LEU A 97 11.07 -29.39 36.43
N ASN A 98 9.82 -29.43 35.96
CA ASN A 98 8.71 -29.95 36.74
C ASN A 98 7.85 -30.86 35.87
N ILE A 99 7.34 -31.93 36.47
CA ILE A 99 6.56 -32.94 35.78
C ILE A 99 5.25 -33.14 36.53
N TRP A 100 4.13 -33.07 35.82
CA TRP A 100 2.87 -33.58 36.34
C TRP A 100 2.58 -34.92 35.70
N VAL A 101 2.23 -35.90 36.50
CA VAL A 101 1.89 -37.24 36.02
C VAL A 101 0.44 -37.52 36.42
N PRO A 102 -0.40 -37.96 35.50
CA PRO A 102 -1.74 -38.42 35.90
C PRO A 102 -1.61 -39.56 36.88
N SER A 103 -2.54 -39.60 37.83
CA SER A 103 -2.58 -40.72 38.76
C SER A 103 -3.88 -41.46 38.45
N PRO A 104 -3.80 -42.80 38.31
CA PRO A 104 -2.60 -43.64 38.49
C PRO A 104 -1.56 -43.46 37.37
N ARG A 105 -0.30 -43.79 37.64
CA ARG A 105 0.74 -43.63 36.63
C ARG A 105 0.44 -44.48 35.40
N PRO A 106 0.21 -43.87 34.23
CA PRO A 106 0.04 -44.67 33.01
C PRO A 106 1.38 -45.25 32.57
N LYS A 107 1.31 -46.18 31.63
CA LYS A 107 2.50 -46.72 31.01
C LYS A 107 2.65 -46.14 29.61
N SER A 108 3.81 -45.53 29.33
CA SER A 108 4.12 -45.01 28.00
C SER A 108 3.02 -44.12 27.43
N THR A 109 2.91 -42.89 27.92
CA THR A 109 1.91 -41.98 27.40
C THR A 109 2.57 -40.75 26.79
N THR A 110 1.78 -39.97 26.08
CA THR A 110 2.27 -38.79 25.40
C THR A 110 2.89 -37.80 26.38
N VAL A 111 3.85 -37.02 25.90
CA VAL A 111 4.55 -36.07 26.76
C VAL A 111 4.53 -34.69 26.09
N MET A 112 4.11 -33.68 26.86
CA MET A 112 4.11 -32.29 26.41
C MET A 112 5.07 -31.48 27.27
N VAL A 113 6.15 -31.00 26.66
CA VAL A 113 7.13 -30.16 27.33
C VAL A 113 6.76 -28.70 27.05
N TRP A 114 6.47 -27.93 28.11
CA TRP A 114 6.18 -26.51 27.98
C TRP A 114 7.46 -25.70 28.02
N ILE A 115 7.53 -24.65 27.21
CA ILE A 115 8.68 -23.76 27.16
C ILE A 115 8.16 -22.34 27.31
N TYR A 116 8.46 -21.71 28.44
CA TYR A 116 7.99 -20.34 28.64
C TYR A 116 8.75 -19.37 27.73
N GLY A 117 8.10 -18.25 27.41
CA GLY A 117 8.73 -17.16 26.72
C GLY A 117 8.90 -15.95 27.61
N GLY A 118 8.92 -14.78 26.98
CA GLY A 118 9.21 -13.59 27.74
C GLY A 118 10.37 -12.85 27.12
N GLY A 119 10.41 -12.91 25.78
CA GLY A 119 11.35 -12.12 25.02
C GLY A 119 12.80 -12.53 25.14
N PHE A 120 13.08 -13.71 25.69
CA PHE A 120 14.41 -14.21 26.06
C PHE A 120 15.05 -13.39 27.18
N TYR A 121 14.32 -12.48 27.80
CA TYR A 121 14.86 -11.67 28.87
C TYR A 121 14.18 -11.96 30.21
N SER A 122 13.15 -12.81 30.22
CA SER A 122 12.36 -13.02 31.41
C SER A 122 11.47 -14.24 31.19
N GLY A 123 10.90 -14.73 32.28
CA GLY A 123 9.94 -15.82 32.20
C GLY A 123 10.34 -16.87 33.21
N SER A 124 9.36 -17.60 33.70
CA SER A 124 9.56 -18.54 34.78
C SER A 124 8.87 -19.87 34.47
N SER A 125 9.46 -20.95 34.96
CA SER A 125 8.78 -22.22 34.85
C SER A 125 7.64 -22.36 35.85
N THR A 126 7.51 -21.44 36.80
CA THR A 126 6.72 -21.71 38.00
C THR A 126 5.50 -20.82 38.14
N LEU A 127 5.12 -20.10 37.09
CA LEU A 127 3.98 -19.20 37.15
C LEU A 127 2.66 -19.97 37.25
N ASP A 128 1.64 -19.26 37.74
CA ASP A 128 0.35 -19.91 37.90
C ASP A 128 -0.29 -20.22 36.57
N VAL A 129 0.01 -19.45 35.52
CA VAL A 129 -0.55 -19.75 34.20
C VAL A 129 0.03 -21.04 33.62
N TYR A 130 1.27 -21.37 33.97
CA TYR A 130 1.85 -22.60 33.47
C TYR A 130 1.60 -23.79 34.41
N ASN A 131 0.69 -23.62 35.37
CA ASN A 131 0.32 -24.72 36.27
C ASN A 131 -0.25 -25.89 35.48
N GLY A 132 0.50 -26.98 35.37
CA GLY A 132 0.16 -28.05 34.48
C GLY A 132 -0.77 -29.12 34.99
N LYS A 133 -1.21 -29.05 36.25
CA LYS A 133 -2.03 -30.14 36.78
C LYS A 133 -3.34 -30.33 36.00
N TYR A 134 -3.93 -29.25 35.50
CA TYR A 134 -5.22 -29.34 34.83
C TYR A 134 -5.10 -30.09 33.50
N LEU A 135 -4.13 -29.71 32.67
CA LEU A 135 -4.08 -30.30 31.34
C LEU A 135 -3.58 -31.73 31.40
N ALA A 136 -2.54 -32.00 32.20
CA ALA A 136 -2.08 -33.37 32.39
C ALA A 136 -3.22 -34.26 32.85
N TYR A 137 -4.03 -33.76 33.80
CA TYR A 137 -5.13 -34.55 34.34
C TYR A 137 -6.24 -34.76 33.31
N THR A 138 -6.69 -33.68 32.68
CA THR A 138 -7.89 -33.78 31.85
C THR A 138 -7.61 -34.52 30.57
N GLU A 139 -6.39 -34.45 30.06
CA GLU A 139 -6.08 -35.08 28.78
C GLU A 139 -5.11 -36.24 28.92
N GLU A 140 -4.93 -36.75 30.14
CA GLU A 140 -4.13 -37.94 30.46
C GLU A 140 -2.77 -37.93 29.75
N VAL A 141 -2.04 -36.83 29.95
CA VAL A 141 -0.72 -36.62 29.38
C VAL A 141 0.26 -36.36 30.51
N VAL A 142 1.52 -36.66 30.26
CA VAL A 142 2.61 -36.27 31.15
C VAL A 142 3.10 -34.91 30.70
N LEU A 143 2.99 -33.91 31.57
CA LEU A 143 3.39 -32.54 31.26
C LEU A 143 4.68 -32.18 31.98
N VAL A 144 5.70 -31.84 31.20
CA VAL A 144 6.93 -31.23 31.71
C VAL A 144 6.90 -29.74 31.40
N SER A 145 7.48 -28.94 32.29
CA SER A 145 7.77 -27.54 32.01
C SER A 145 9.20 -27.27 32.44
N LEU A 146 10.03 -26.80 31.53
CA LEU A 146 11.45 -26.66 31.80
C LEU A 146 11.78 -25.23 32.19
N SER A 147 13.07 -24.96 32.36
CA SER A 147 13.56 -23.60 32.54
C SER A 147 14.87 -23.45 31.79
N TYR A 148 15.19 -22.20 31.48
CA TYR A 148 16.44 -21.87 30.79
C TYR A 148 16.85 -20.46 31.21
N ARG A 149 18.16 -20.21 31.21
CA ARG A 149 18.63 -18.87 31.52
C ARG A 149 18.16 -17.88 30.47
N VAL A 150 17.89 -16.66 30.94
CA VAL A 150 17.35 -15.58 30.13
C VAL A 150 18.26 -14.38 30.30
N GLY A 151 17.98 -13.34 29.50
CA GLY A 151 18.85 -12.17 29.41
C GLY A 151 20.30 -12.55 29.14
N ALA A 152 21.23 -11.67 29.54
CA ALA A 152 22.65 -11.92 29.26
C ALA A 152 23.12 -13.26 29.82
N PHE A 153 22.53 -13.69 30.95
CA PHE A 153 22.84 -15.01 31.50
C PHE A 153 22.67 -16.10 30.45
N GLY A 154 21.58 -16.05 29.69
CA GLY A 154 21.30 -17.06 28.69
C GLY A 154 21.85 -16.78 27.31
N PHE A 155 22.06 -15.49 26.95
CA PHE A 155 22.35 -15.21 25.55
C PHE A 155 23.47 -14.21 25.28
N LEU A 156 24.23 -13.79 26.29
CA LEU A 156 25.42 -13.01 25.98
C LEU A 156 26.33 -13.84 25.09
N ALA A 157 26.87 -13.21 24.04
CA ALA A 157 27.50 -14.00 22.98
C ALA A 157 28.76 -13.30 22.45
N LEU A 158 29.91 -13.92 22.69
CA LEU A 158 31.18 -13.52 22.12
C LEU A 158 31.62 -14.68 21.22
N HIS A 159 31.13 -14.67 19.99
CA HIS A 159 31.35 -15.82 19.13
C HIS A 159 32.83 -15.99 18.85
N GLY A 160 33.32 -17.20 19.04
CA GLY A 160 34.74 -17.48 18.93
C GLY A 160 35.21 -18.02 20.26
N SER A 161 34.99 -17.25 21.30
CA SER A 161 35.17 -17.74 22.66
C SER A 161 34.30 -18.96 22.92
N GLN A 162 34.85 -19.93 23.62
CA GLN A 162 34.03 -21.02 24.15
C GLN A 162 33.58 -20.73 25.57
N GLU A 163 34.06 -19.64 26.16
CA GLU A 163 33.59 -19.24 27.48
C GLU A 163 32.24 -18.54 27.43
N ALA A 164 31.96 -17.77 26.37
CA ALA A 164 30.64 -17.20 26.14
C ALA A 164 30.25 -17.34 24.67
N PRO A 165 29.82 -18.54 24.25
CA PRO A 165 29.44 -18.75 22.85
C PRO A 165 28.11 -18.12 22.46
N GLY A 166 27.14 -18.11 23.36
CA GLY A 166 25.80 -17.67 23.02
C GLY A 166 24.87 -18.84 22.76
N ASN A 167 23.58 -18.58 22.84
CA ASN A 167 22.58 -19.61 22.69
C ASN A 167 22.64 -20.64 23.80
N VAL A 168 23.32 -20.31 24.90
CA VAL A 168 23.38 -21.27 25.99
C VAL A 168 22.01 -21.39 26.67
N GLY A 169 21.14 -20.41 26.48
CA GLY A 169 19.77 -20.58 26.91
C GLY A 169 19.03 -21.62 26.11
N LEU A 170 19.19 -21.61 24.78
CA LEU A 170 18.61 -22.69 23.99
C LEU A 170 19.29 -24.01 24.31
N LEU A 171 20.61 -23.98 24.53
CA LEU A 171 21.30 -25.18 24.98
C LEU A 171 20.77 -25.68 26.31
N ASP A 172 20.46 -24.77 27.25
CA ASP A 172 19.75 -25.17 28.47
C ASP A 172 18.52 -26.01 28.12
N GLN A 173 17.64 -25.47 27.27
CA GLN A 173 16.40 -26.19 27.07
C GLN A 173 16.61 -27.46 26.27
N ARG A 174 17.72 -27.57 25.53
CA ARG A 174 18.00 -28.85 24.89
C ARG A 174 18.45 -29.89 25.92
N MET A 175 19.19 -29.45 26.95
CA MET A 175 19.58 -30.38 27.99
C MET A 175 18.37 -30.95 28.72
N ALA A 176 17.41 -30.09 29.07
CA ALA A 176 16.17 -30.57 29.66
C ALA A 176 15.43 -31.53 28.74
N LEU A 177 15.39 -31.23 27.44
CA LEU A 177 14.78 -32.16 26.51
C LEU A 177 15.51 -33.51 26.52
N GLN A 178 16.85 -33.48 26.50
CA GLN A 178 17.66 -34.69 26.63
C GLN A 178 17.45 -35.38 27.98
N TRP A 179 17.08 -34.63 29.03
CA TRP A 179 16.70 -35.29 30.28
C TRP A 179 15.35 -35.98 30.14
N VAL A 180 14.37 -35.32 29.51
CA VAL A 180 13.10 -35.97 29.23
C VAL A 180 13.32 -37.25 28.43
N HIS A 181 14.27 -37.22 27.50
CA HIS A 181 14.51 -38.37 26.63
C HIS A 181 14.97 -39.58 27.44
N ASP A 182 15.70 -39.34 28.53
CA ASP A 182 16.30 -40.43 29.29
C ASP A 182 15.54 -40.79 30.56
N ASN A 183 14.55 -40.00 30.97
CA ASN A 183 13.91 -40.29 32.24
C ASN A 183 12.38 -40.23 32.23
N ILE A 184 11.75 -39.61 31.24
CA ILE A 184 10.29 -39.55 31.24
C ILE A 184 9.69 -40.95 31.30
N GLN A 185 10.41 -41.95 30.76
CA GLN A 185 9.89 -43.31 30.78
C GLN A 185 9.69 -43.81 32.21
N PHE A 186 10.48 -43.28 33.15
CA PHE A 186 10.32 -43.62 34.55
C PHE A 186 9.13 -42.91 35.18
N PHE A 187 8.47 -42.02 34.46
CA PHE A 187 7.22 -41.44 34.92
C PHE A 187 6.06 -41.90 34.06
N GLY A 188 6.26 -42.93 33.25
CA GLY A 188 5.22 -43.34 32.34
C GLY A 188 5.06 -42.43 31.16
N GLY A 189 6.08 -41.61 30.88
CA GLY A 189 6.13 -40.87 29.64
C GLY A 189 6.69 -41.75 28.53
N ASP A 190 6.11 -41.60 27.34
CA ASP A 190 6.64 -42.26 26.14
C ASP A 190 7.67 -41.33 25.51
N PRO A 191 8.97 -41.64 25.57
CA PRO A 191 9.97 -40.71 25.01
C PRO A 191 9.85 -40.56 23.51
N LYS A 192 8.99 -41.35 22.85
CA LYS A 192 8.77 -41.28 21.42
C LYS A 192 7.60 -40.38 21.06
N THR A 193 6.72 -40.06 22.01
CA THR A 193 5.58 -39.20 21.75
C THR A 193 5.71 -37.91 22.54
N VAL A 194 6.74 -37.13 22.24
CA VAL A 194 7.06 -35.90 22.93
C VAL A 194 6.69 -34.72 22.06
N THR A 195 5.95 -33.77 22.64
CA THR A 195 5.57 -32.55 21.95
C THR A 195 6.09 -31.38 22.76
N ILE A 196 6.98 -30.59 22.18
CA ILE A 196 7.42 -29.34 22.79
C ILE A 196 6.49 -28.24 22.31
N PHE A 197 6.20 -27.30 23.20
CA PHE A 197 5.30 -26.21 22.84
C PHE A 197 5.62 -25.00 23.71
N GLY A 198 5.51 -23.83 23.10
CA GLY A 198 5.97 -22.62 23.74
C GLY A 198 5.34 -21.39 23.14
N GLU A 199 5.40 -20.30 23.90
CA GLU A 199 4.73 -19.08 23.52
C GLU A 199 5.74 -17.96 23.41
N SER A 200 5.59 -17.16 22.34
CA SER A 200 6.38 -15.96 22.14
C SER A 200 7.85 -16.31 22.01
N ALA A 201 8.67 -15.93 22.99
CA ALA A 201 10.04 -16.40 22.96
C ALA A 201 10.05 -17.93 23.00
N GLY A 202 9.18 -18.52 23.82
CA GLY A 202 9.09 -19.97 23.87
C GLY A 202 8.72 -20.60 22.54
N GLY A 203 7.90 -19.90 21.74
CA GLY A 203 7.50 -20.38 20.43
C GLY A 203 8.62 -20.23 19.40
N ALA A 204 9.28 -19.07 19.41
CA ALA A 204 10.52 -18.95 18.65
C ALA A 204 11.47 -20.09 19.01
N SER A 205 11.56 -20.41 20.30
CA SER A 205 12.42 -21.49 20.77
C SER A 205 12.06 -22.83 20.13
N VAL A 206 10.80 -23.22 20.24
CA VAL A 206 10.27 -24.40 19.55
C VAL A 206 10.72 -24.37 18.10
N GLY A 207 10.53 -23.22 17.45
CA GLY A 207 10.97 -23.10 16.07
C GLY A 207 12.44 -23.40 15.91
N MET A 208 13.27 -22.85 16.80
CA MET A 208 14.70 -23.02 16.62
C MET A 208 15.15 -24.46 16.86
N HIS A 209 14.40 -25.21 17.66
CA HIS A 209 14.75 -26.62 17.82
C HIS A 209 14.40 -27.38 16.56
N ILE A 210 13.22 -27.10 15.99
CA ILE A 210 12.90 -27.62 14.67
C ILE A 210 14.03 -27.39 13.69
N LEU A 211 14.65 -26.21 13.74
CA LEU A 211 15.75 -25.91 12.81
C LEU A 211 17.08 -26.51 13.23
N SER A 212 17.33 -26.70 14.51
CA SER A 212 18.70 -27.01 14.91
C SER A 212 18.97 -28.49 14.79
N PRO A 213 20.00 -28.91 14.03
CA PRO A 213 20.30 -30.35 13.94
C PRO A 213 20.63 -30.99 15.29
N GLY A 214 21.23 -30.27 16.22
CA GLY A 214 21.50 -30.86 17.53
C GLY A 214 20.28 -31.09 18.41
N SER A 215 19.09 -30.62 18.00
CA SER A 215 17.88 -30.75 18.80
C SER A 215 16.80 -31.60 18.16
N ARG A 216 16.96 -31.99 16.88
CA ARG A 216 15.86 -32.55 16.12
C ARG A 216 15.42 -33.91 16.62
N ASP A 217 16.31 -34.65 17.28
CA ASP A 217 15.96 -36.02 17.66
C ASP A 217 15.39 -36.10 19.05
N LEU A 218 15.24 -34.96 19.73
CA LEU A 218 14.80 -34.94 21.12
C LEU A 218 13.31 -34.71 21.28
N PHE A 219 12.56 -34.68 20.18
CA PHE A 219 11.11 -34.53 20.26
C PHE A 219 10.51 -35.01 18.95
N ARG A 220 9.18 -35.11 18.95
CA ARG A 220 8.42 -35.63 17.83
C ARG A 220 7.69 -34.54 17.06
N ARG A 221 6.92 -33.70 17.75
CA ARG A 221 6.09 -32.67 17.12
C ARG A 221 6.26 -31.34 17.84
N ALA A 222 5.54 -30.33 17.36
CA ALA A 222 5.80 -28.96 17.81
C ALA A 222 4.52 -28.14 17.74
N ILE A 223 4.23 -27.42 18.83
CA ILE A 223 3.24 -26.36 18.81
C ILE A 223 3.97 -25.04 19.00
N LEU A 224 3.51 -24.01 18.30
CA LEU A 224 4.08 -22.67 18.39
C LEU A 224 2.94 -21.68 18.50
N GLN A 225 2.96 -20.86 19.55
CA GLN A 225 1.90 -19.91 19.79
C GLN A 225 2.49 -18.51 19.81
N SER A 226 2.06 -17.67 18.85
CA SER A 226 2.44 -16.26 18.82
C SER A 226 3.95 -16.07 18.87
N GLY A 227 4.67 -16.95 18.18
CA GLY A 227 6.12 -16.86 18.14
C GLY A 227 6.67 -17.84 17.11
N SER A 228 7.85 -17.56 16.56
CA SER A 228 8.35 -18.34 15.45
C SER A 228 9.83 -18.03 15.29
N PRO A 229 10.61 -18.95 14.73
CA PRO A 229 12.07 -18.78 14.81
C PRO A 229 12.58 -17.58 14.03
N ASN A 230 11.82 -17.08 13.05
CA ASN A 230 12.27 -16.02 12.15
C ASN A 230 11.78 -14.63 12.57
N CYS A 231 11.30 -14.46 13.80
CA CYS A 231 10.82 -13.16 14.21
C CYS A 231 11.97 -12.15 14.24
N PRO A 232 11.69 -10.87 13.98
CA PRO A 232 12.78 -9.88 13.96
C PRO A 232 13.40 -9.63 15.31
N TRP A 233 12.65 -9.88 16.38
CA TRP A 233 13.21 -9.68 17.71
C TRP A 233 13.95 -10.91 18.23
N ALA A 234 13.86 -12.03 17.52
CA ALA A 234 14.24 -13.32 18.06
C ALA A 234 15.67 -13.74 17.72
N SER A 235 16.43 -12.93 16.98
CA SER A 235 17.82 -13.32 16.70
C SER A 235 18.68 -12.08 16.45
N VAL A 236 19.99 -12.31 16.37
CA VAL A 236 20.94 -11.27 16.05
C VAL A 236 22.11 -11.93 15.34
N SER A 237 22.81 -11.15 14.51
CA SER A 237 24.08 -11.59 13.97
C SER A 237 25.11 -11.73 15.09
N VAL A 238 26.16 -12.50 14.81
CA VAL A 238 27.24 -12.58 15.79
C VAL A 238 27.86 -11.20 16.00
N ALA A 239 27.95 -10.40 14.94
CA ALA A 239 28.60 -9.10 15.07
C ALA A 239 27.82 -8.19 16.02
N GLU A 240 26.50 -8.08 15.80
CA GLU A 240 25.66 -7.28 16.69
C GLU A 240 25.55 -7.95 18.06
N GLY A 241 25.55 -9.28 18.12
CA GLY A 241 25.64 -9.93 19.41
C GLY A 241 26.91 -9.56 20.14
N ARG A 242 28.04 -9.56 19.43
CA ARG A 242 29.30 -9.14 20.03
C ARG A 242 29.23 -7.70 20.50
N ARG A 243 28.58 -6.85 19.72
CA ARG A 243 28.63 -5.42 19.99
C ARG A 243 27.96 -5.13 21.31
N ARG A 244 26.78 -5.73 21.53
CA ARG A 244 26.06 -5.50 22.78
C ARG A 244 26.76 -6.19 23.94
N ALA A 245 27.31 -7.37 23.69
CA ALA A 245 28.18 -7.97 24.69
C ALA A 245 29.23 -6.96 25.12
N VAL A 246 29.90 -6.36 24.13
CA VAL A 246 30.98 -5.43 24.43
C VAL A 246 30.45 -4.18 25.14
N GLU A 247 29.32 -3.64 24.67
CA GLU A 247 28.84 -2.41 25.29
C GLU A 247 28.32 -2.69 26.69
N LEU A 248 27.83 -3.90 26.92
CA LEU A 248 27.48 -4.29 28.28
C LEU A 248 28.70 -4.20 29.19
N GLY A 249 29.86 -4.62 28.68
CA GLY A 249 31.09 -4.36 29.41
C GLY A 249 31.34 -2.88 29.63
N ARG A 250 30.97 -2.04 28.66
CA ARG A 250 31.28 -0.63 28.79
C ARG A 250 30.42 0.04 29.86
N ASN A 251 29.13 -0.32 29.90
CA ASN A 251 28.28 0.18 30.99
C ASN A 251 28.84 -0.17 32.36
N LEU A 252 29.32 -1.40 32.53
CA LEU A 252 29.85 -1.81 33.82
C LEU A 252 31.35 -1.53 33.97
N ASN A 253 31.89 -0.59 33.18
CA ASN A 253 33.29 -0.17 33.25
C ASN A 253 34.21 -1.39 33.36
N CYS A 254 34.04 -2.28 32.40
CA CYS A 254 34.83 -3.50 32.32
C CYS A 254 36.01 -3.32 31.37
N ASN A 255 36.99 -4.21 31.54
CA ASN A 255 38.07 -4.29 30.57
C ASN A 255 37.54 -4.83 29.25
N LEU A 256 38.00 -4.25 28.13
CA LEU A 256 37.38 -4.51 26.85
C LEU A 256 38.33 -5.00 25.77
N ASN A 257 39.59 -5.34 26.09
CA ASN A 257 40.52 -5.69 25.03
C ASN A 257 40.23 -7.08 24.46
N SER A 258 40.04 -8.08 25.32
CA SER A 258 39.74 -9.41 24.82
C SER A 258 38.56 -10.01 25.57
N ASP A 259 37.99 -11.05 24.96
CA ASP A 259 36.86 -11.75 25.55
C ASP A 259 37.23 -12.32 26.91
N GLU A 260 38.45 -12.85 27.02
CA GLU A 260 38.86 -13.43 28.28
C GLU A 260 38.80 -12.38 29.38
N GLU A 261 39.43 -11.22 29.17
CA GLU A 261 39.33 -10.15 30.14
C GLU A 261 37.90 -9.68 30.29
N LEU A 262 37.20 -9.48 29.17
CA LEU A 262 35.83 -9.00 29.24
C LEU A 262 34.97 -9.92 30.09
N ILE A 263 35.01 -11.23 29.80
CA ILE A 263 34.16 -12.17 30.51
C ILE A 263 34.56 -12.28 31.97
N HIS A 264 35.87 -12.35 32.26
CA HIS A 264 36.28 -12.41 33.65
C HIS A 264 35.79 -11.20 34.42
N CYS A 265 35.78 -10.03 33.76
CA CYS A 265 35.19 -8.85 34.38
C CYS A 265 33.70 -9.04 34.61
N LEU A 266 32.98 -9.55 33.61
CA LEU A 266 31.52 -9.70 33.75
C LEU A 266 31.12 -10.83 34.68
N ARG A 267 32.02 -11.78 34.96
CA ARG A 267 31.67 -12.88 35.84
C ARG A 267 31.79 -12.51 37.32
N GLU A 268 32.42 -11.39 37.64
CA GLU A 268 32.54 -10.96 39.03
C GLU A 268 31.41 -10.03 39.46
N LYS A 269 30.63 -9.54 38.51
CA LYS A 269 29.52 -8.67 38.85
C LYS A 269 28.39 -9.47 39.48
N LYS A 270 27.76 -8.87 40.48
CA LYS A 270 26.52 -9.45 40.99
C LYS A 270 25.48 -9.50 39.86
N PRO A 271 24.61 -10.51 39.86
CA PRO A 271 23.67 -10.67 38.73
C PRO A 271 22.80 -9.45 38.47
N GLN A 272 22.31 -8.76 39.52
CA GLN A 272 21.41 -7.65 39.26
C GLN A 272 22.15 -6.42 38.76
N GLU A 273 23.46 -6.34 38.98
CA GLU A 273 24.25 -5.34 38.25
C GLU A 273 24.16 -5.55 36.75
N LEU A 274 24.05 -6.80 36.29
CA LEU A 274 23.89 -7.05 34.86
C LEU A 274 22.51 -6.65 34.41
N ILE A 275 21.48 -7.13 35.12
CA ILE A 275 20.11 -6.81 34.77
C ILE A 275 19.86 -5.30 34.75
N ASP A 276 20.55 -4.56 35.62
CA ASP A 276 20.26 -3.14 35.76
C ASP A 276 20.78 -2.30 34.61
N VAL A 277 21.61 -2.87 33.73
CA VAL A 277 22.07 -2.17 32.54
C VAL A 277 21.72 -2.92 31.26
N GLU A 278 20.94 -4.01 31.37
CA GLU A 278 20.71 -4.88 30.22
C GLU A 278 20.04 -4.15 29.05
N TRP A 279 19.20 -3.16 29.34
CA TRP A 279 18.53 -2.49 28.23
C TRP A 279 19.39 -1.43 27.56
N ASN A 280 20.44 -0.94 28.21
CA ASN A 280 21.28 0.11 27.63
C ASN A 280 22.13 -0.35 26.47
N VAL A 281 22.02 -1.59 26.01
CA VAL A 281 22.85 -2.07 24.92
C VAL A 281 22.09 -2.15 23.59
N LEU A 282 20.77 -1.93 23.60
CA LEU A 282 19.99 -1.96 22.37
C LEU A 282 20.39 -0.82 21.43
N PRO A 283 20.48 -1.09 20.12
CA PRO A 283 20.97 -0.06 19.18
C PRO A 283 19.97 1.03 18.83
N PHE A 284 18.70 0.90 19.23
CA PHE A 284 17.68 1.85 18.82
C PHE A 284 16.71 2.10 19.97
N ASP A 285 16.05 3.25 19.90
CA ASP A 285 14.79 3.45 20.63
C ASP A 285 13.72 2.60 19.96
N SER A 286 13.18 1.61 20.68
CA SER A 286 12.36 0.63 19.99
C SER A 286 11.38 0.01 20.95
N ILE A 287 10.29 -0.53 20.39
CA ILE A 287 9.40 -1.45 21.10
C ILE A 287 9.53 -2.84 20.49
N PHE A 288 9.26 -3.85 21.31
CA PHE A 288 9.32 -5.26 20.92
C PHE A 288 10.73 -5.69 20.52
N ARG A 289 11.75 -5.15 21.19
CA ARG A 289 13.12 -5.63 21.00
C ARG A 289 13.81 -5.82 22.33
N PHE A 290 14.67 -6.84 22.40
CA PHE A 290 15.27 -7.28 23.64
C PHE A 290 16.76 -7.51 23.42
N SER A 291 17.53 -7.33 24.49
CA SER A 291 18.97 -7.09 24.34
C SER A 291 19.73 -8.35 23.98
N PHE A 292 19.55 -9.42 24.75
CA PHE A 292 20.31 -10.63 24.51
C PHE A 292 19.37 -11.75 24.10
N VAL A 293 19.48 -12.15 22.84
CA VAL A 293 18.60 -13.09 22.18
C VAL A 293 19.50 -14.10 21.49
N PRO A 294 18.94 -15.16 20.93
CA PRO A 294 19.74 -16.12 20.18
C PRO A 294 20.61 -15.50 19.10
N VAL A 295 21.74 -16.16 18.83
CA VAL A 295 22.71 -15.80 17.82
C VAL A 295 22.58 -16.78 16.66
N ILE A 296 22.97 -16.31 15.46
CA ILE A 296 23.12 -17.19 14.31
C ILE A 296 24.62 -17.44 14.16
N ASP A 297 25.14 -18.37 14.97
CA ASP A 297 26.57 -18.60 15.14
C ASP A 297 27.15 -19.60 14.16
N GLY A 298 26.31 -20.42 13.54
CA GLY A 298 26.78 -21.43 12.62
C GLY A 298 26.81 -22.82 13.19
N GLU A 299 26.66 -22.96 14.50
CA GLU A 299 26.75 -24.26 15.16
C GLU A 299 25.37 -24.78 15.55
N PHE A 300 24.69 -24.09 16.45
CA PHE A 300 23.29 -24.38 16.74
C PHE A 300 22.42 -24.08 15.53
N PHE A 301 22.87 -23.17 14.67
CA PHE A 301 22.17 -22.84 13.42
C PHE A 301 23.17 -22.97 12.28
N PRO A 302 23.21 -24.11 11.58
CA PRO A 302 24.11 -24.27 10.43
C PRO A 302 24.30 -23.04 9.56
N THR A 303 23.20 -22.44 9.10
CA THR A 303 23.25 -21.28 8.22
C THR A 303 22.11 -20.33 8.60
N SER A 304 21.88 -19.34 7.73
CA SER A 304 20.80 -18.39 7.94
C SER A 304 19.45 -19.11 8.05
N LEU A 305 18.56 -18.56 8.87
CA LEU A 305 17.25 -19.19 9.03
C LEU A 305 16.48 -19.21 7.71
N GLU A 306 16.65 -18.19 6.89
CA GLU A 306 15.96 -18.18 5.61
C GLU A 306 16.43 -19.35 4.74
N SER A 307 17.74 -19.54 4.63
CA SER A 307 18.26 -20.60 3.78
C SER A 307 17.83 -21.97 4.29
N MET A 308 17.85 -22.18 5.60
CA MET A 308 17.42 -23.46 6.14
C MET A 308 15.94 -23.70 5.84
N LEU A 309 15.13 -22.63 5.88
CA LEU A 309 13.74 -22.78 5.48
C LEU A 309 13.62 -23.08 3.99
N ASN A 310 14.46 -22.46 3.16
CA ASN A 310 14.33 -22.65 1.72
C ASN A 310 14.78 -24.04 1.30
N SER A 311 15.96 -24.45 1.75
CA SER A 311 16.43 -25.80 1.41
C SER A 311 15.62 -26.88 2.09
N GLY A 312 14.76 -26.53 3.04
CA GLY A 312 14.12 -27.55 3.84
C GLY A 312 15.05 -28.22 4.83
N ASN A 313 16.20 -27.61 5.14
CA ASN A 313 17.12 -28.14 6.14
C ASN A 313 16.52 -27.96 7.54
N PHE A 314 15.46 -28.69 7.80
CA PHE A 314 14.93 -28.69 9.15
C PHE A 314 14.17 -29.98 9.41
N LYS A 315 13.73 -30.12 10.65
CA LYS A 315 12.95 -31.28 11.07
C LYS A 315 11.62 -31.36 10.32
N LYS A 316 11.35 -32.52 9.75
CA LYS A 316 10.08 -32.75 9.06
C LYS A 316 9.14 -33.51 9.99
N THR A 317 8.01 -32.89 10.30
CA THR A 317 7.00 -33.55 11.11
C THR A 317 5.72 -32.74 10.98
N GLN A 318 4.83 -32.82 11.95
CA GLN A 318 3.63 -32.01 11.97
C GLN A 318 3.78 -30.90 13.00
N ILE A 319 3.41 -29.68 12.61
CA ILE A 319 3.37 -28.55 13.52
C ILE A 319 1.94 -28.07 13.63
N LEU A 320 1.62 -27.55 14.79
CA LEU A 320 0.36 -26.86 15.03
C LEU A 320 0.72 -25.48 15.59
N LEU A 321 0.09 -24.44 15.08
CA LEU A 321 0.62 -23.13 15.43
C LEU A 321 -0.41 -22.07 15.10
N GLY A 322 -0.25 -20.91 15.71
CA GLY A 322 -1.22 -19.85 15.52
C GLY A 322 -0.81 -18.59 16.26
N VAL A 323 -1.73 -17.61 16.25
CA VAL A 323 -1.45 -16.26 16.73
C VAL A 323 -2.71 -15.71 17.37
N ASN A 324 -2.51 -14.72 18.23
CA ASN A 324 -3.61 -13.96 18.79
C ASN A 324 -3.96 -12.79 17.88
N LYS A 325 -5.12 -12.18 18.16
CA LYS A 325 -5.63 -11.10 17.30
C LYS A 325 -4.90 -9.79 17.52
N ASP A 326 -4.51 -9.49 18.76
CA ASP A 326 -3.91 -8.21 19.12
C ASP A 326 -2.56 -8.47 19.78
N GLU A 327 -1.62 -9.03 19.01
CA GLU A 327 -0.29 -9.28 19.54
C GLU A 327 0.35 -8.01 20.08
N GLY A 328 0.11 -6.87 19.44
CA GLY A 328 0.91 -5.70 19.75
C GLY A 328 0.46 -4.81 20.89
N SER A 329 -0.77 -4.94 21.36
CA SER A 329 -1.28 -3.97 22.32
C SER A 329 -0.41 -3.92 23.57
N PHE A 330 0.09 -5.06 24.05
CA PHE A 330 0.93 -5.03 25.25
C PHE A 330 2.15 -4.14 25.04
N PHE A 331 2.80 -4.24 23.88
CA PHE A 331 4.07 -3.53 23.69
C PHE A 331 3.87 -2.06 23.40
N LEU A 332 2.75 -1.65 22.82
CA LEU A 332 2.48 -0.21 22.73
C LEU A 332 2.27 0.39 24.11
N LEU A 333 1.60 -0.35 25.01
CA LEU A 333 1.26 0.20 26.31
C LEU A 333 2.51 0.51 27.11
N TYR A 334 3.60 -0.20 26.84
CA TYR A 334 4.83 -0.01 27.58
C TYR A 334 5.80 0.96 26.90
N GLY A 335 5.84 1.03 25.58
CA GLY A 335 6.92 1.78 24.98
C GLY A 335 6.51 2.93 24.10
N ALA A 336 5.22 3.11 23.83
CA ALA A 336 4.84 4.04 22.77
C ALA A 336 3.94 5.15 23.30
N PRO A 337 4.18 6.38 22.89
CA PRO A 337 3.47 7.51 23.50
C PRO A 337 1.98 7.52 23.16
N GLY A 338 1.21 8.19 24.01
CA GLY A 338 -0.21 8.35 23.81
C GLY A 338 -1.07 7.22 24.35
N PHE A 339 -0.47 6.07 24.65
CA PHE A 339 -1.17 4.92 25.18
C PHE A 339 -1.13 4.92 26.71
N SER A 340 -2.26 4.58 27.31
CA SER A 340 -2.36 4.46 28.76
C SER A 340 -3.20 3.24 29.10
N LYS A 341 -2.94 2.67 30.28
CA LYS A 341 -3.71 1.54 30.76
C LYS A 341 -5.12 1.94 31.14
N ASP A 342 -5.30 3.18 31.60
CA ASP A 342 -6.57 3.58 32.18
C ASP A 342 -7.44 4.39 31.22
N SER A 343 -6.91 4.79 30.07
CA SER A 343 -7.69 5.55 29.10
C SER A 343 -8.01 4.68 27.89
N GLU A 344 -8.84 5.24 27.01
CA GLU A 344 -9.13 4.60 25.74
C GLU A 344 -7.93 4.60 24.80
N SER A 345 -6.93 5.42 25.09
CA SER A 345 -5.73 5.53 24.27
C SER A 345 -6.09 5.82 22.82
N LYS A 346 -6.70 6.98 22.62
CA LYS A 346 -6.71 7.48 21.26
C LYS A 346 -5.39 8.18 21.02
N ILE A 347 -4.95 8.17 19.78
CA ILE A 347 -3.59 8.54 19.43
C ILE A 347 -3.66 9.65 18.39
N SER A 348 -3.32 10.87 18.82
CA SER A 348 -3.06 11.93 17.88
C SER A 348 -2.11 11.44 16.80
N ARG A 349 -2.31 11.93 15.57
CA ARG A 349 -1.50 11.47 14.46
C ARG A 349 -0.01 11.70 14.71
N GLU A 350 0.34 12.79 15.39
CA GLU A 350 1.74 13.05 15.72
C GLU A 350 2.34 11.89 16.52
N ASP A 351 1.59 11.35 17.48
CA ASP A 351 2.11 10.21 18.19
C ASP A 351 2.14 8.98 17.30
N PHE A 352 1.20 8.87 16.36
CA PHE A 352 1.22 7.76 15.42
C PHE A 352 2.57 7.67 14.72
N MET A 353 3.14 8.80 14.30
CA MET A 353 4.43 8.70 13.61
C MET A 353 5.52 8.27 14.55
N SER A 354 5.58 8.90 15.73
CA SER A 354 6.46 8.44 16.80
C SER A 354 6.27 6.96 17.07
N GLY A 355 5.01 6.50 17.12
CA GLY A 355 4.76 5.08 17.29
C GLY A 355 5.30 4.22 16.15
N VAL A 356 5.19 4.71 14.91
CA VAL A 356 5.59 3.93 13.75
C VAL A 356 7.09 3.77 13.73
N LYS A 357 7.81 4.87 13.95
CA LYS A 357 9.28 4.85 13.96
C LYS A 357 9.81 3.99 15.09
N LEU A 358 9.05 3.87 16.17
CA LEU A 358 9.43 2.97 17.25
C LEU A 358 9.24 1.51 16.83
N SER A 359 8.21 1.25 16.03
CA SER A 359 7.84 -0.12 15.73
C SER A 359 8.76 -0.75 14.70
N VAL A 360 9.29 0.04 13.78
CA VAL A 360 10.21 -0.50 12.78
C VAL A 360 11.54 0.23 12.95
N PRO A 361 12.20 0.04 14.10
CA PRO A 361 13.43 0.81 14.40
C PRO A 361 14.47 0.78 13.28
N HIS A 362 14.52 -0.30 12.52
CA HIS A 362 15.58 -0.53 11.54
C HIS A 362 15.31 0.13 10.19
N ALA A 363 14.08 0.55 9.91
CA ALA A 363 13.76 1.04 8.58
C ALA A 363 14.37 2.40 8.33
N ASN A 364 14.68 2.69 7.06
CA ASN A 364 15.08 4.02 6.65
C ASN A 364 13.84 4.90 6.50
N ASP A 365 14.04 6.15 6.09
CA ASP A 365 12.90 7.06 5.97
C ASP A 365 11.86 6.53 4.99
N LEU A 366 12.32 6.08 3.82
CA LEU A 366 11.37 5.63 2.80
C LEU A 366 10.54 4.46 3.30
N GLY A 367 11.18 3.52 3.99
CA GLY A 367 10.42 2.41 4.57
C GLY A 367 9.45 2.88 5.63
N LEU A 368 9.82 3.90 6.40
CA LEU A 368 8.87 4.45 7.35
C LEU A 368 7.63 4.94 6.64
N ASP A 369 7.82 5.66 5.54
CA ASP A 369 6.67 6.15 4.79
C ASP A 369 5.84 4.99 4.27
N ALA A 370 6.49 3.95 3.73
CA ALA A 370 5.77 2.77 3.29
C ALA A 370 4.92 2.19 4.42
N VAL A 371 5.52 1.92 5.58
CA VAL A 371 4.74 1.43 6.71
C VAL A 371 3.59 2.37 6.99
N THR A 372 3.85 3.67 6.96
CA THR A 372 2.81 4.64 7.30
C THR A 372 1.69 4.63 6.28
N LEU A 373 2.00 4.85 5.01
CA LEU A 373 0.93 4.84 4.02
C LEU A 373 0.17 3.52 4.08
N GLN A 374 0.84 2.45 4.47
CA GLN A 374 0.22 1.15 4.37
C GLN A 374 -0.89 0.96 5.39
N TYR A 375 -0.83 1.66 6.53
CA TYR A 375 -1.75 1.42 7.64
C TYR A 375 -2.66 2.59 8.02
N THR A 376 -2.73 3.67 7.23
CA THR A 376 -3.61 4.78 7.57
C THR A 376 -4.80 4.86 6.62
N ASP A 377 -5.94 5.29 7.15
CA ASP A 377 -7.12 5.57 6.34
C ASP A 377 -7.08 7.06 5.97
N TRP A 378 -6.71 7.35 4.72
CA TRP A 378 -6.47 8.74 4.36
C TRP A 378 -7.74 9.56 4.14
N MET A 379 -8.91 8.96 4.34
CA MET A 379 -10.09 9.80 4.46
C MET A 379 -10.28 10.33 5.87
N ASP A 380 -9.58 9.76 6.85
CA ASP A 380 -9.81 10.01 8.27
C ASP A 380 -8.51 9.80 9.04
N ASP A 381 -7.48 10.60 8.75
CA ASP A 381 -6.17 10.38 9.36
C ASP A 381 -6.07 10.94 10.77
N ASN A 382 -6.89 11.91 11.14
CA ASN A 382 -6.85 12.43 12.50
C ASN A 382 -7.87 11.74 13.40
N ASN A 383 -8.23 10.49 13.08
CA ASN A 383 -9.17 9.72 13.87
C ASN A 383 -8.33 8.97 14.89
N GLY A 384 -8.43 9.38 16.15
CA GLY A 384 -7.57 8.83 17.19
C GLY A 384 -7.69 7.32 17.35
N ILE A 385 -8.83 6.74 17.00
CA ILE A 385 -8.98 5.29 17.13
C ILE A 385 -8.26 4.56 16.02
N LYS A 386 -8.61 4.87 14.76
CA LYS A 386 -8.00 4.19 13.63
C LYS A 386 -6.48 4.26 13.67
N ASN A 387 -5.93 5.33 14.26
CA ASN A 387 -4.49 5.37 14.42
C ASN A 387 -4.02 4.37 15.47
N ARG A 388 -4.77 4.23 16.56
CA ARG A 388 -4.31 3.35 17.62
C ARG A 388 -4.40 1.89 17.17
N ASP A 389 -5.57 1.50 16.66
CA ASP A 389 -5.66 0.22 15.98
C ASP A 389 -4.61 0.10 14.88
N GLY A 390 -4.32 1.21 14.18
CA GLY A 390 -3.25 1.24 13.21
C GLY A 390 -1.96 0.69 13.75
N LEU A 391 -1.44 1.34 14.79
CA LEU A 391 -0.20 0.89 15.43
C LEU A 391 -0.31 -0.54 15.95
N ASP A 392 -1.44 -0.87 16.58
CA ASP A 392 -1.62 -2.22 17.11
C ASP A 392 -1.41 -3.27 16.03
N ASP A 393 -1.97 -3.02 14.85
CA ASP A 393 -1.79 -3.96 13.75
C ASP A 393 -0.34 -3.94 13.26
N ILE A 394 0.29 -2.77 13.16
CA ILE A 394 1.69 -2.70 12.74
C ILE A 394 2.55 -3.62 13.58
N VAL A 395 2.54 -3.44 14.90
CA VAL A 395 3.51 -4.18 15.70
C VAL A 395 3.14 -5.65 15.75
N GLY A 396 1.84 -5.95 15.83
CA GLY A 396 1.40 -7.34 15.71
C GLY A 396 1.83 -7.98 14.41
N ASP A 397 1.46 -7.36 13.29
CA ASP A 397 1.81 -7.94 11.99
C ASP A 397 3.32 -8.00 11.80
N HIS A 398 4.01 -6.91 12.12
CA HIS A 398 5.47 -6.89 11.92
C HIS A 398 6.20 -7.92 12.79
N ASN A 399 5.80 -8.09 14.05
CA ASN A 399 6.65 -8.84 14.96
C ASN A 399 6.22 -10.27 15.22
N VAL A 400 4.95 -10.61 14.98
CA VAL A 400 4.51 -11.98 15.23
C VAL A 400 3.86 -12.57 13.98
N ILE A 401 2.71 -12.03 13.58
CA ILE A 401 1.82 -12.69 12.61
C ILE A 401 2.51 -12.94 11.29
N CYS A 402 2.99 -11.89 10.66
CA CYS A 402 3.57 -12.10 9.34
C CYS A 402 4.86 -12.91 9.45
N PRO A 403 5.69 -12.71 10.49
CA PRO A 403 6.82 -13.64 10.64
C PRO A 403 6.38 -15.09 10.76
N LEU A 404 5.30 -15.34 11.50
CA LEU A 404 4.84 -16.72 11.67
C LEU A 404 4.32 -17.26 10.36
N MET A 405 3.49 -16.48 9.66
CA MET A 405 2.96 -16.92 8.37
C MET A 405 4.07 -17.20 7.37
N HIS A 406 5.11 -16.38 7.35
CA HIS A 406 6.23 -16.70 6.47
C HIS A 406 6.79 -18.07 6.81
N PHE A 407 6.85 -18.37 8.10
CA PHE A 407 7.36 -19.67 8.56
C PHE A 407 6.39 -20.78 8.16
N VAL A 408 5.09 -20.55 8.31
CA VAL A 408 4.13 -21.62 8.05
C VAL A 408 4.04 -21.92 6.56
N ASN A 409 4.32 -20.93 5.72
CA ASN A 409 4.37 -21.26 4.29
C ASN A 409 5.65 -21.99 3.96
N LYS A 410 6.78 -21.52 4.50
CA LYS A 410 8.06 -22.17 4.20
C LYS A 410 8.08 -23.60 4.70
N TYR A 411 7.58 -23.82 5.90
CA TYR A 411 7.67 -25.15 6.52
C TYR A 411 6.77 -26.15 5.79
N THR A 412 5.63 -25.69 5.29
CA THR A 412 4.65 -26.60 4.70
C THR A 412 5.13 -27.22 3.39
N LYS A 413 6.01 -26.53 2.65
CA LYS A 413 6.63 -27.14 1.48
C LYS A 413 7.32 -28.46 1.82
N PHE A 414 7.76 -28.63 3.06
CA PHE A 414 8.56 -29.79 3.44
C PHE A 414 8.00 -30.60 4.61
N GLY A 415 7.12 -30.05 5.43
CA GLY A 415 6.62 -30.77 6.58
C GLY A 415 5.73 -31.93 6.20
N ASN A 416 5.15 -32.55 7.23
CA ASN A 416 4.20 -33.65 7.09
C ASN A 416 2.88 -33.33 7.76
N GLY A 417 2.54 -32.05 7.86
CA GLY A 417 1.29 -31.64 8.46
C GLY A 417 1.37 -30.26 9.11
N THR A 418 0.34 -29.45 8.93
CA THR A 418 0.37 -28.07 9.41
C THR A 418 -1.04 -27.65 9.78
N TYR A 419 -1.24 -27.17 11.00
CA TYR A 419 -2.55 -26.69 11.44
C TYR A 419 -2.42 -25.29 11.99
N LEU A 420 -3.07 -24.33 11.33
CA LEU A 420 -2.93 -22.92 11.69
C LEU A 420 -4.19 -22.47 12.42
N TYR A 421 -4.01 -21.65 13.45
CA TYR A 421 -5.15 -21.13 14.17
C TYR A 421 -4.98 -19.63 14.35
N PHE A 422 -6.09 -18.99 14.72
CA PHE A 422 -6.16 -17.54 14.94
C PHE A 422 -7.03 -17.39 16.18
N PHE A 423 -6.38 -17.19 17.31
CA PHE A 423 -7.10 -17.06 18.57
C PHE A 423 -7.55 -15.62 18.73
N ASN A 424 -8.85 -15.41 18.90
CA ASN A 424 -9.33 -14.05 19.11
C ASN A 424 -10.53 -14.08 20.06
N HIS A 425 -10.29 -14.40 21.32
CA HIS A 425 -11.37 -14.41 22.29
C HIS A 425 -11.05 -13.43 23.41
N ARG A 426 -11.74 -12.29 23.40
CA ARG A 426 -11.70 -11.35 24.50
C ARG A 426 -12.32 -12.00 25.73
N ALA A 427 -11.47 -12.42 26.67
CA ALA A 427 -11.97 -13.04 27.90
C ALA A 427 -12.91 -12.09 28.62
N SER A 428 -13.91 -12.66 29.29
CA SER A 428 -14.90 -11.82 29.97
C SER A 428 -14.34 -11.25 31.25
N ASN A 429 -13.50 -12.01 31.95
CA ASN A 429 -12.94 -11.60 33.22
C ASN A 429 -11.57 -10.93 33.09
N LEU A 430 -11.25 -10.35 31.93
CA LEU A 430 -9.89 -9.89 31.76
C LEU A 430 -9.67 -8.54 32.46
N VAL A 431 -8.42 -8.29 32.81
CA VAL A 431 -8.05 -7.15 33.66
C VAL A 431 -7.63 -5.92 32.86
N TRP A 432 -7.09 -6.08 31.64
CA TRP A 432 -6.65 -4.94 30.86
C TRP A 432 -7.84 -4.24 30.18
N PRO A 433 -7.65 -3.02 29.70
CA PRO A 433 -8.75 -2.32 29.03
C PRO A 433 -9.09 -2.94 27.69
N GLU A 434 -10.24 -2.54 27.16
CA GLU A 434 -10.75 -3.19 25.97
C GLU A 434 -9.93 -2.84 24.73
N TRP A 435 -9.42 -1.61 24.63
CA TRP A 435 -8.61 -1.24 23.47
C TRP A 435 -7.49 -2.24 23.23
N MET A 436 -6.97 -2.86 24.29
CA MET A 436 -5.85 -3.76 24.10
C MET A 436 -6.27 -5.09 23.48
N GLY A 437 -7.58 -5.38 23.43
CA GLY A 437 -8.11 -6.58 22.78
C GLY A 437 -7.61 -7.92 23.31
N VAL A 438 -7.36 -8.83 22.39
CA VAL A 438 -6.89 -10.18 22.70
C VAL A 438 -5.38 -10.09 22.91
N ILE A 439 -4.97 -9.98 24.18
CA ILE A 439 -3.60 -9.64 24.50
C ILE A 439 -2.67 -10.78 24.09
N HIS A 440 -1.49 -10.40 23.60
CA HIS A 440 -0.34 -11.29 23.55
C HIS A 440 -0.23 -12.09 24.83
N GLY A 441 -0.20 -13.41 24.70
CA GLY A 441 -0.01 -14.29 25.83
C GLY A 441 -1.28 -14.81 26.47
N TYR A 442 -2.43 -14.20 26.23
CA TYR A 442 -3.62 -14.57 26.99
C TYR A 442 -4.41 -15.71 26.36
N GLU A 443 -3.85 -16.37 25.36
CA GLU A 443 -4.36 -17.67 24.95
C GLU A 443 -3.97 -18.75 25.95
N ILE A 444 -2.85 -18.53 26.66
CA ILE A 444 -2.23 -19.55 27.49
C ILE A 444 -3.18 -20.08 28.57
N GLU A 445 -4.03 -19.22 29.13
CA GLU A 445 -4.99 -19.70 30.13
C GLU A 445 -5.83 -20.85 29.60
N PHE A 446 -6.25 -20.75 28.35
CA PHE A 446 -7.08 -21.82 27.80
C PHE A 446 -6.27 -23.09 27.52
N VAL A 447 -5.03 -22.94 27.04
CA VAL A 447 -4.17 -24.10 26.84
C VAL A 447 -3.97 -24.86 28.16
N PHE A 448 -3.78 -24.14 29.24
CA PHE A 448 -3.49 -24.78 30.52
C PHE A 448 -4.74 -25.04 31.35
N GLY A 449 -5.93 -24.85 30.76
CA GLY A 449 -7.16 -25.20 31.44
C GLY A 449 -7.54 -24.34 32.63
N LEU A 450 -7.15 -23.08 32.67
CA LEU A 450 -7.49 -22.30 33.85
C LEU A 450 -8.96 -21.88 33.87
N PRO A 451 -9.66 -21.75 32.75
CA PRO A 451 -11.12 -21.55 32.81
C PRO A 451 -11.89 -22.68 33.53
N LEU A 452 -11.24 -23.79 33.90
CA LEU A 452 -11.97 -24.97 34.36
C LEU A 452 -12.11 -25.08 35.88
N VAL A 453 -11.51 -24.18 36.65
CA VAL A 453 -11.72 -24.11 38.09
C VAL A 453 -12.69 -22.98 38.37
N LYS A 454 -13.70 -23.25 39.20
CA LYS A 454 -14.80 -22.29 39.28
C LYS A 454 -14.46 -21.07 40.12
N GLU A 455 -13.40 -21.15 40.93
CA GLU A 455 -12.98 -20.00 41.72
C GLU A 455 -12.32 -18.91 40.88
N LEU A 456 -11.91 -19.19 39.64
CA LEU A 456 -11.36 -18.11 38.82
C LEU A 456 -12.38 -17.37 38.02
N ASN A 457 -13.67 -17.67 38.18
CA ASN A 457 -14.76 -16.86 37.63
C ASN A 457 -14.60 -16.66 36.11
N TYR A 458 -14.75 -17.76 35.38
CA TYR A 458 -14.82 -17.73 33.93
C TYR A 458 -16.22 -18.12 33.49
N THR A 459 -16.60 -17.66 32.30
CA THR A 459 -17.90 -18.05 31.82
C THR A 459 -17.90 -19.53 31.44
N ALA A 460 -19.10 -20.11 31.36
CA ALA A 460 -19.22 -21.51 30.96
C ALA A 460 -18.64 -21.75 29.58
N GLU A 461 -18.67 -20.73 28.71
CA GLU A 461 -18.20 -20.87 27.34
C GLU A 461 -16.68 -20.98 27.28
N GLU A 462 -15.97 -20.08 27.98
CA GLU A 462 -14.52 -20.12 27.95
C GLU A 462 -14.00 -21.43 28.52
N GLU A 463 -14.73 -22.00 29.49
CA GLU A 463 -14.42 -23.34 29.96
C GLU A 463 -14.45 -24.33 28.80
N ALA A 464 -15.57 -24.37 28.09
CA ALA A 464 -15.69 -25.24 26.91
C ALA A 464 -14.57 -24.99 25.93
N LEU A 465 -14.28 -23.72 25.64
CA LEU A 465 -13.25 -23.41 24.67
C LEU A 465 -11.89 -23.84 25.20
N SER A 466 -11.68 -23.72 26.51
CA SER A 466 -10.45 -24.24 27.07
C SER A 466 -10.40 -25.76 26.97
N ARG A 467 -11.53 -26.44 27.24
CA ARG A 467 -11.47 -27.91 27.20
C ARG A 467 -11.18 -28.40 25.79
N ARG A 468 -11.73 -27.76 24.76
CA ARG A 468 -11.47 -28.28 23.43
C ARG A 468 -10.17 -27.76 22.82
N ILE A 469 -9.61 -26.65 23.31
CA ILE A 469 -8.25 -26.31 22.91
C ILE A 469 -7.27 -27.31 23.50
N MET A 470 -7.41 -27.60 24.81
CA MET A 470 -6.59 -28.64 25.42
C MET A 470 -6.70 -29.95 24.66
N HIS A 471 -7.92 -30.35 24.30
CA HIS A 471 -8.08 -31.55 23.50
C HIS A 471 -7.37 -31.44 22.16
N TYR A 472 -7.59 -30.32 21.45
CA TYR A 472 -6.86 -30.08 20.20
C TYR A 472 -5.36 -30.26 20.41
N TRP A 473 -4.82 -29.56 21.40
CA TRP A 473 -3.40 -29.66 21.72
C TRP A 473 -3.02 -31.09 22.08
N ALA A 474 -3.73 -31.67 23.05
CA ALA A 474 -3.41 -33.02 23.49
C ALA A 474 -3.56 -34.02 22.35
N THR A 475 -4.73 -34.04 21.70
CA THR A 475 -4.92 -34.95 20.58
C THR A 475 -3.85 -34.76 19.51
N PHE A 476 -3.49 -33.50 19.23
CA PHE A 476 -2.39 -33.28 18.31
C PHE A 476 -1.11 -33.93 18.82
N ALA A 477 -0.86 -33.83 20.13
CA ALA A 477 0.36 -34.39 20.67
C ALA A 477 0.37 -35.91 20.57
N LYS A 478 -0.80 -36.56 20.75
CA LYS A 478 -0.89 -38.00 20.59
C LYS A 478 -0.78 -38.40 19.12
N THR A 479 -1.69 -37.92 18.27
CA THR A 479 -1.83 -38.47 16.92
C THR A 479 -1.20 -37.61 15.82
N GLY A 480 -0.72 -36.41 16.12
CA GLY A 480 -0.24 -35.54 15.06
C GLY A 480 -1.34 -34.88 14.26
N ASN A 481 -2.59 -34.98 14.73
CA ASN A 481 -3.80 -34.45 14.11
C ASN A 481 -4.72 -34.05 15.24
N PRO A 482 -5.10 -32.77 15.36
CA PRO A 482 -5.92 -32.33 16.49
C PRO A 482 -7.36 -32.78 16.42
N ASN A 483 -7.80 -33.46 15.37
CA ASN A 483 -9.15 -34.00 15.34
C ASN A 483 -9.13 -35.49 15.68
N GLU A 484 -10.22 -35.96 16.30
CA GLU A 484 -10.42 -37.38 16.49
C GLU A 484 -11.03 -37.98 15.23
N PRO A 485 -10.85 -39.29 14.99
CA PRO A 485 -11.35 -39.89 13.75
C PRO A 485 -12.84 -40.17 13.70
N HIS A 486 -13.50 -40.35 14.84
CA HIS A 486 -14.96 -40.41 14.85
C HIS A 486 -15.47 -38.98 14.89
N SER A 487 -15.92 -38.54 16.07
CA SER A 487 -15.93 -37.12 16.46
C SER A 487 -16.80 -36.23 15.58
N GLN A 488 -17.84 -36.79 14.95
CA GLN A 488 -18.89 -36.03 14.25
C GLN A 488 -18.44 -34.69 13.66
N GLU A 489 -18.49 -33.64 14.48
CA GLU A 489 -18.03 -32.29 14.14
C GLU A 489 -16.83 -31.96 15.05
N SER A 490 -15.91 -31.10 14.61
CA SER A 490 -15.97 -30.38 13.35
C SER A 490 -14.54 -30.28 12.90
N LYS A 491 -14.20 -30.91 11.78
CA LYS A 491 -12.79 -31.16 11.48
C LYS A 491 -12.07 -29.84 11.24
N TRP A 492 -10.90 -29.70 11.88
CA TRP A 492 -10.02 -28.56 11.69
C TRP A 492 -9.07 -28.87 10.54
N PRO A 493 -9.20 -28.21 9.39
CA PRO A 493 -8.50 -28.64 8.18
C PRO A 493 -6.99 -28.48 8.24
N LEU A 494 -6.30 -29.40 7.58
CA LEU A 494 -4.90 -29.23 7.23
C LEU A 494 -4.67 -27.87 6.58
N PHE A 495 -3.48 -27.33 6.76
CA PHE A 495 -3.03 -26.13 6.08
C PHE A 495 -2.15 -26.53 4.91
N THR A 496 -2.61 -26.26 3.69
CA THR A 496 -1.91 -26.73 2.51
C THR A 496 -1.40 -25.56 1.68
N THR A 497 -0.35 -25.82 0.91
CA THR A 497 0.37 -24.74 0.24
C THR A 497 -0.57 -23.92 -0.64
N LYS A 498 -1.53 -24.56 -1.30
CA LYS A 498 -2.38 -23.86 -2.25
C LYS A 498 -3.61 -23.25 -1.60
N GLU A 499 -4.25 -23.95 -0.65
CA GLU A 499 -5.51 -23.46 -0.10
C GLU A 499 -5.36 -22.67 1.20
N GLN A 500 -4.28 -22.88 1.95
CA GLN A 500 -3.90 -22.06 3.09
C GLN A 500 -5.08 -21.82 4.06
N LYS A 501 -5.67 -22.91 4.54
CA LYS A 501 -6.84 -22.83 5.41
C LYS A 501 -6.43 -22.73 6.88
N PHE A 502 -7.34 -22.16 7.70
CA PHE A 502 -7.16 -22.11 9.15
C PHE A 502 -8.51 -21.89 9.81
N ILE A 503 -8.50 -21.85 11.16
CA ILE A 503 -9.72 -21.84 11.93
C ILE A 503 -9.66 -20.78 13.03
N ASP A 504 -10.83 -20.31 13.42
CA ASP A 504 -10.97 -19.37 14.53
C ASP A 504 -11.07 -20.15 15.82
N LEU A 505 -10.27 -19.75 16.80
CA LEU A 505 -10.40 -20.24 18.16
C LEU A 505 -11.17 -19.20 18.96
N ASN A 506 -12.41 -19.50 19.29
CA ASN A 506 -13.22 -18.63 20.13
C ASN A 506 -14.51 -19.37 20.44
N THR A 507 -15.45 -18.67 21.06
CA THR A 507 -16.63 -19.29 21.63
C THR A 507 -17.71 -19.59 20.59
N GLU A 508 -17.53 -19.18 19.35
CA GLU A 508 -18.51 -19.46 18.30
C GLU A 508 -18.16 -20.77 17.59
N PRO A 509 -19.12 -21.38 16.90
CA PRO A 509 -18.81 -22.60 16.14
C PRO A 509 -17.69 -22.37 15.14
N MET A 510 -16.79 -23.34 15.05
CA MET A 510 -15.55 -23.16 14.30
C MET A 510 -15.83 -22.87 12.82
N LYS A 511 -15.07 -21.92 12.27
CA LYS A 511 -15.17 -21.56 10.86
C LYS A 511 -13.78 -21.59 10.22
N VAL A 512 -13.71 -22.05 8.98
CA VAL A 512 -12.45 -22.12 8.25
C VAL A 512 -12.26 -20.83 7.47
N HIS A 513 -11.02 -20.37 7.39
CA HIS A 513 -10.68 -19.21 6.57
C HIS A 513 -9.43 -19.51 5.77
N GLN A 514 -9.23 -18.73 4.69
CA GLN A 514 -8.07 -18.86 3.83
C GLN A 514 -7.22 -17.61 3.90
N ARG A 515 -5.91 -17.79 3.78
CA ARG A 515 -4.92 -16.72 3.73
C ARG A 515 -5.06 -15.74 4.91
N LEU A 516 -4.55 -16.13 6.07
CA LEU A 516 -4.55 -15.23 7.22
C LEU A 516 -3.69 -14.01 6.94
N ARG A 517 -4.31 -12.83 7.01
CA ARG A 517 -3.63 -11.54 6.88
C ARG A 517 -2.74 -11.49 5.65
N VAL A 518 -3.21 -12.09 4.56
CA VAL A 518 -2.35 -12.20 3.39
C VAL A 518 -1.92 -10.82 2.92
N GLN A 519 -2.83 -9.84 2.99
CA GLN A 519 -2.55 -8.54 2.39
C GLN A 519 -1.43 -7.82 3.11
N MET A 520 -1.55 -7.66 4.44
CA MET A 520 -0.45 -7.02 5.16
C MET A 520 0.80 -7.89 5.19
N CYS A 521 0.66 -9.22 5.09
CA CYS A 521 1.86 -10.04 5.16
C CYS A 521 2.65 -10.04 3.86
N VAL A 522 2.00 -9.87 2.70
CA VAL A 522 2.75 -9.57 1.48
C VAL A 522 3.59 -8.31 1.66
N PHE A 523 2.97 -7.24 2.16
CA PHE A 523 3.72 -6.04 2.50
C PHE A 523 4.92 -6.36 3.38
N TRP A 524 4.69 -7.10 4.48
CA TRP A 524 5.73 -7.30 5.47
C TRP A 524 6.74 -8.37 5.10
N ASN A 525 6.34 -9.43 4.38
CA ASN A 525 7.29 -10.51 4.12
C ASN A 525 8.01 -10.34 2.79
N GLN A 526 7.37 -9.72 1.79
CA GLN A 526 8.01 -9.53 0.49
C GLN A 526 8.35 -8.07 0.18
N PHE A 527 7.42 -7.13 0.31
CA PHE A 527 7.68 -5.78 -0.20
C PHE A 527 8.68 -4.97 0.62
N LEU A 528 8.34 -4.65 1.88
CA LEU A 528 9.24 -3.84 2.67
C LEU A 528 10.64 -4.44 2.77
N PRO A 529 10.80 -5.76 2.94
CA PRO A 529 12.15 -6.34 2.82
C PRO A 529 12.88 -5.89 1.57
N LYS A 530 12.17 -5.95 0.43
CA LYS A 530 12.69 -5.50 -0.85
C LYS A 530 13.03 -4.00 -0.83
N LEU A 531 12.13 -3.18 -0.28
CA LEU A 531 12.39 -1.76 -0.20
C LEU A 531 13.68 -1.48 0.58
N LEU A 532 13.80 -2.09 1.76
CA LEU A 532 14.94 -1.77 2.61
C LEU A 532 16.24 -2.31 2.05
N ASN A 533 16.21 -3.50 1.43
CA ASN A 533 17.43 -3.99 0.79
C ASN A 533 17.94 -2.99 -0.25
N ALA A 534 17.04 -2.52 -1.12
CA ALA A 534 17.45 -1.67 -2.23
C ALA A 534 17.63 -0.21 -1.86
N THR A 535 17.36 0.18 -0.61
CA THR A 535 17.46 1.59 -0.22
C THR A 535 18.23 1.76 1.10
N SER B 4 -26.41 44.09 -41.34
CA SER B 4 -26.27 42.65 -41.49
C SER B 4 -25.63 41.98 -40.28
N GLU B 5 -26.17 40.81 -39.95
CA GLU B 5 -25.81 40.04 -38.77
C GLU B 5 -24.73 39.02 -39.06
N LEU B 6 -24.76 38.40 -40.23
CA LEU B 6 -23.79 37.39 -40.63
C LEU B 6 -22.57 37.98 -41.31
N LEU B 7 -22.43 39.30 -41.33
CA LEU B 7 -21.27 39.95 -41.93
C LEU B 7 -20.62 40.84 -40.88
N VAL B 8 -19.33 40.63 -40.67
CA VAL B 8 -18.59 41.17 -39.52
C VAL B 8 -17.22 41.63 -40.01
N ASN B 9 -16.78 42.79 -39.56
CA ASN B 9 -15.51 43.35 -40.03
CA ASN B 9 -15.51 43.37 -40.02
C ASN B 9 -14.51 43.24 -38.90
N THR B 10 -13.59 42.29 -39.02
CA THR B 10 -12.57 42.06 -38.02
C THR B 10 -11.32 42.89 -38.34
N LYS B 11 -10.32 42.81 -37.46
CA LYS B 11 -9.09 43.60 -37.63
C LYS B 11 -8.22 43.08 -38.75
N SER B 12 -8.54 41.91 -39.29
CA SER B 12 -7.76 41.31 -40.36
C SER B 12 -8.51 41.24 -41.68
N GLY B 13 -9.81 41.51 -41.68
CA GLY B 13 -10.59 41.47 -42.90
C GLY B 13 -12.06 41.23 -42.59
N LYS B 14 -12.84 41.22 -43.65
CA LYS B 14 -14.27 41.01 -43.48
C LYS B 14 -14.60 39.53 -43.61
N VAL B 15 -15.53 39.09 -42.77
CA VAL B 15 -15.97 37.70 -42.67
C VAL B 15 -17.47 37.68 -42.92
N MET B 16 -17.94 36.64 -43.60
CA MET B 16 -19.36 36.40 -43.80
C MET B 16 -19.69 35.02 -43.28
N GLY B 17 -20.70 34.94 -42.43
CA GLY B 17 -21.06 33.72 -41.76
C GLY B 17 -22.27 33.05 -42.36
N THR B 18 -22.93 32.24 -41.54
CA THR B 18 -24.01 31.40 -42.00
C THR B 18 -25.04 31.24 -40.91
N ARG B 19 -26.30 31.07 -41.32
CA ARG B 19 -27.46 30.98 -40.44
C ARG B 19 -27.79 29.50 -40.24
N VAL B 20 -27.25 28.91 -39.18
CA VAL B 20 -27.48 27.48 -38.93
C VAL B 20 -28.71 27.30 -38.04
N PRO B 21 -29.57 26.34 -38.35
CA PRO B 21 -30.69 26.04 -37.46
C PRO B 21 -30.22 25.28 -36.24
N VAL B 22 -30.96 25.43 -35.14
CA VAL B 22 -30.63 24.73 -33.90
C VAL B 22 -31.89 24.56 -33.06
N LEU B 23 -32.28 23.30 -32.83
CA LEU B 23 -33.36 22.95 -31.90
C LEU B 23 -34.60 23.82 -32.12
N SER B 24 -35.12 23.77 -33.35
CA SER B 24 -36.31 24.54 -33.73
C SER B 24 -36.10 26.04 -33.54
N SER B 25 -34.88 26.50 -33.77
CA SER B 25 -34.56 27.91 -33.92
C SER B 25 -33.30 27.97 -34.76
N HIS B 26 -32.68 29.15 -34.80
CA HIS B 26 -31.45 29.31 -35.55
C HIS B 26 -30.50 30.20 -34.75
N ILE B 27 -29.23 30.16 -35.16
CA ILE B 27 -28.23 31.14 -34.74
C ILE B 27 -27.18 31.24 -35.84
N SER B 28 -26.30 32.22 -35.71
CA SER B 28 -25.30 32.51 -36.71
C SER B 28 -23.97 31.90 -36.29
N ALA B 29 -23.33 31.22 -37.23
CA ALA B 29 -22.02 30.61 -37.02
C ALA B 29 -21.02 31.18 -38.02
N PHE B 30 -19.77 31.34 -37.59
CA PHE B 30 -18.68 31.81 -38.45
C PHE B 30 -17.57 30.75 -38.42
N LEU B 31 -17.43 29.99 -39.49
CA LEU B 31 -16.63 28.77 -39.49
C LEU B 31 -15.39 28.89 -40.36
N GLY B 32 -14.30 28.28 -39.89
CA GLY B 32 -13.06 28.30 -40.63
C GLY B 32 -12.46 29.69 -40.78
N ILE B 33 -12.60 30.55 -39.77
CA ILE B 33 -11.94 31.84 -39.76
C ILE B 33 -10.44 31.67 -39.54
N PRO B 34 -9.59 32.14 -40.45
CA PRO B 34 -8.14 32.06 -40.21
C PRO B 34 -7.73 32.99 -39.10
N PHE B 35 -6.71 32.57 -38.35
CA PHE B 35 -6.10 33.44 -37.35
C PHE B 35 -4.58 33.51 -37.42
N ALA B 36 -3.93 32.64 -38.19
CA ALA B 36 -2.50 32.72 -38.36
C ALA B 36 -2.15 32.46 -39.82
N GLU B 37 -0.91 32.78 -40.18
CA GLU B 37 -0.41 32.37 -41.49
C GLU B 37 -0.27 30.84 -41.52
N PRO B 38 -0.59 30.22 -42.64
CA PRO B 38 -0.39 28.76 -42.77
C PRO B 38 1.06 28.39 -42.51
N PRO B 39 1.32 27.48 -41.57
CA PRO B 39 2.71 27.10 -41.24
C PRO B 39 3.27 26.04 -42.16
N VAL B 40 3.49 26.39 -43.42
CA VAL B 40 3.85 25.46 -44.46
C VAL B 40 5.30 25.69 -44.88
N GLY B 41 5.83 24.75 -45.67
CA GLY B 41 7.17 24.84 -46.18
C GLY B 41 8.20 25.21 -45.13
N ASN B 42 8.86 26.36 -45.32
CA ASN B 42 9.86 26.78 -44.34
C ASN B 42 9.24 27.23 -43.01
N MET B 43 7.91 27.27 -42.91
CA MET B 43 7.24 27.62 -41.65
C MET B 43 6.86 26.41 -40.82
N ARG B 44 7.11 25.21 -41.32
CA ARG B 44 6.85 24.02 -40.53
C ARG B 44 7.76 24.00 -39.31
N PHE B 45 7.18 23.69 -38.15
CA PHE B 45 7.83 23.61 -36.85
C PHE B 45 8.07 24.97 -36.20
N ARG B 46 7.69 26.08 -36.82
CA ARG B 46 8.07 27.39 -36.31
C ARG B 46 6.91 28.08 -35.61
N ARG B 47 7.25 29.11 -34.85
CA ARG B 47 6.26 29.86 -34.12
C ARG B 47 5.25 30.43 -35.12
N PRO B 48 3.96 30.39 -34.81
CA PRO B 48 2.97 30.94 -35.74
C PRO B 48 3.22 32.41 -35.99
N GLU B 49 2.71 32.87 -37.13
CA GLU B 49 2.70 34.26 -37.52
C GLU B 49 1.27 34.71 -37.75
N PRO B 50 0.89 35.90 -37.26
CA PRO B 50 -0.50 36.33 -37.36
C PRO B 50 -0.95 36.45 -38.81
N LYS B 51 -2.12 35.89 -39.09
CA LYS B 51 -2.71 35.94 -40.42
C LYS B 51 -2.59 37.32 -41.04
N LYS B 52 -1.97 37.40 -42.22
CA LYS B 52 -1.88 38.67 -42.91
C LYS B 52 -3.27 39.11 -43.36
N PRO B 53 -3.58 40.40 -43.30
CA PRO B 53 -4.95 40.84 -43.57
C PRO B 53 -5.34 40.58 -45.02
N TRP B 54 -6.53 40.03 -45.21
CA TRP B 54 -7.05 39.77 -46.54
C TRP B 54 -7.94 40.91 -47.01
N SER B 55 -8.22 40.90 -48.31
CA SER B 55 -9.17 41.79 -48.93
C SER B 55 -10.42 41.00 -49.31
N GLY B 56 -11.52 41.71 -49.52
CA GLY B 56 -12.76 41.03 -49.85
C GLY B 56 -13.37 40.38 -48.63
N VAL B 57 -14.34 39.51 -48.90
CA VAL B 57 -15.13 38.86 -47.85
C VAL B 57 -14.75 37.39 -47.81
N TRP B 58 -14.46 36.90 -46.60
CA TRP B 58 -14.06 35.51 -46.42
C TRP B 58 -15.31 34.63 -46.23
N ASN B 59 -15.54 33.70 -47.16
CA ASN B 59 -16.75 32.89 -47.08
C ASN B 59 -16.63 31.89 -45.94
N ALA B 60 -17.03 32.31 -44.74
CA ALA B 60 -16.80 31.52 -43.52
C ALA B 60 -18.02 30.70 -43.11
N SER B 61 -18.54 29.87 -44.01
CA SER B 61 -19.75 29.11 -43.76
C SER B 61 -19.48 27.61 -43.74
N THR B 62 -18.24 27.20 -43.98
CA THR B 62 -17.87 25.80 -43.92
C THR B 62 -16.77 25.63 -42.88
N TYR B 63 -16.69 24.43 -42.30
CA TYR B 63 -15.57 24.10 -41.43
C TYR B 63 -14.27 24.15 -42.24
N PRO B 64 -13.15 24.33 -41.58
CA PRO B 64 -11.88 24.36 -42.30
C PRO B 64 -11.27 22.98 -42.32
N ASN B 65 -10.04 22.85 -42.81
CA ASN B 65 -9.39 21.56 -42.80
C ASN B 65 -8.97 21.19 -41.39
N ASN B 66 -8.64 19.92 -41.20
CA ASN B 66 -8.06 19.48 -39.95
C ASN B 66 -6.54 19.40 -40.09
N CYS B 67 -5.85 19.41 -38.96
CA CYS B 67 -4.39 19.37 -39.04
C CYS B 67 -3.94 17.98 -39.46
N GLN B 68 -2.70 17.90 -39.92
CA GLN B 68 -2.08 16.61 -40.21
C GLN B 68 -1.86 15.88 -38.89
N GLN B 69 -2.43 14.69 -38.77
CA GLN B 69 -2.45 13.96 -37.51
C GLN B 69 -2.58 12.47 -37.79
N TYR B 70 -2.27 11.66 -36.79
CA TYR B 70 -2.47 10.23 -36.91
C TYR B 70 -3.97 9.92 -36.95
N VAL B 71 -4.35 8.92 -37.75
CA VAL B 71 -5.74 8.53 -37.88
C VAL B 71 -5.88 7.11 -37.38
N ASP B 72 -6.92 6.87 -36.58
CA ASP B 72 -7.12 5.62 -35.88
C ASP B 72 -7.94 4.66 -36.74
N GLU B 73 -7.33 3.56 -37.15
CA GLU B 73 -8.02 2.57 -37.96
C GLU B 73 -8.25 1.25 -37.21
N GLN B 74 -8.08 1.27 -35.89
CA GLN B 74 -8.17 0.03 -35.11
C GLN B 74 -9.49 -0.67 -35.32
N PHE B 75 -10.61 0.06 -35.25
CA PHE B 75 -11.93 -0.50 -35.56
C PHE B 75 -12.52 0.27 -36.72
N PRO B 76 -12.22 -0.15 -37.94
CA PRO B 76 -12.79 0.51 -39.12
C PRO B 76 -14.31 0.45 -39.11
N GLY B 77 -14.93 1.62 -39.32
CA GLY B 77 -16.37 1.74 -39.39
C GLY B 77 -17.06 1.96 -38.06
N PHE B 78 -16.38 1.66 -36.95
CA PHE B 78 -17.01 1.70 -35.64
C PHE B 78 -17.17 3.15 -35.19
N SER B 79 -18.42 3.59 -35.02
CA SER B 79 -18.68 4.99 -34.70
C SER B 79 -17.98 5.41 -33.41
N GLY B 80 -17.86 4.48 -32.45
CA GLY B 80 -17.26 4.78 -31.16
C GLY B 80 -15.83 5.26 -31.24
N SER B 81 -15.11 4.95 -32.31
CA SER B 81 -13.75 5.46 -32.50
C SER B 81 -13.64 6.48 -33.63
N GLU B 82 -14.48 6.36 -34.66
CA GLU B 82 -14.43 7.29 -35.78
C GLU B 82 -15.07 8.63 -35.41
N MET B 83 -15.85 8.67 -34.33
CA MET B 83 -16.26 9.90 -33.69
C MET B 83 -15.08 10.83 -33.39
N TRP B 84 -13.86 10.29 -33.26
CA TRP B 84 -12.71 11.05 -32.79
C TRP B 84 -11.74 11.42 -33.90
N ASN B 85 -11.86 10.79 -35.07
CA ASN B 85 -10.98 11.01 -36.20
C ASN B 85 -11.38 12.27 -36.97
N PRO B 86 -10.44 12.81 -37.78
CA PRO B 86 -10.77 13.96 -38.63
C PRO B 86 -11.98 13.68 -39.51
N ASN B 87 -12.90 14.65 -39.59
CA ASN B 87 -14.09 14.54 -40.45
C ASN B 87 -14.02 15.46 -41.65
N ARG B 88 -12.92 16.18 -41.81
CA ARG B 88 -12.61 16.95 -43.00
C ARG B 88 -11.25 16.54 -43.52
N GLU B 89 -10.88 17.11 -44.65
CA GLU B 89 -9.56 16.85 -45.19
C GLU B 89 -8.51 17.36 -44.22
N MET B 90 -7.31 16.83 -44.36
CA MET B 90 -6.18 17.26 -43.55
C MET B 90 -5.18 17.98 -44.42
N SER B 91 -4.56 19.00 -43.82
CA SER B 91 -3.65 19.92 -44.46
C SER B 91 -2.82 20.58 -43.38
N GLU B 92 -1.55 20.84 -43.69
CA GLU B 92 -0.78 21.70 -42.80
C GLU B 92 -1.37 23.11 -42.71
N ASP B 93 -2.30 23.45 -43.60
CA ASP B 93 -3.01 24.73 -43.57
C ASP B 93 -4.29 24.52 -42.77
N CYS B 94 -4.14 24.45 -41.45
CA CYS B 94 -5.25 24.05 -40.59
C CYS B 94 -5.61 25.03 -39.48
N LEU B 95 -4.97 26.19 -39.39
CA LEU B 95 -5.07 27.04 -38.20
C LEU B 95 -6.25 28.01 -38.31
N TYR B 96 -7.44 27.50 -37.97
CA TYR B 96 -8.68 28.25 -38.08
C TYR B 96 -9.51 28.05 -36.83
N LEU B 97 -10.19 29.11 -36.40
CA LEU B 97 -11.13 29.02 -35.29
C LEU B 97 -12.56 29.05 -35.83
N ASN B 98 -13.51 28.74 -34.95
CA ASN B 98 -14.92 28.76 -35.30
C ASN B 98 -15.69 29.49 -34.23
N ILE B 99 -16.66 30.32 -34.62
CA ILE B 99 -17.44 31.11 -33.69
C ILE B 99 -18.91 30.77 -33.86
N TRP B 100 -19.61 30.60 -32.74
CA TRP B 100 -21.06 30.52 -32.73
C TRP B 100 -21.61 31.69 -31.92
N VAL B 101 -22.41 32.53 -32.56
CA VAL B 101 -22.93 33.75 -31.95
C VAL B 101 -24.45 33.60 -31.82
N PRO B 102 -25.02 33.88 -30.66
CA PRO B 102 -26.48 33.83 -30.53
C PRO B 102 -27.13 34.79 -31.51
N SER B 103 -28.41 34.56 -31.78
CA SER B 103 -29.11 35.43 -32.71
C SER B 103 -30.52 35.69 -32.21
N PRO B 104 -30.85 36.99 -32.02
CA PRO B 104 -30.09 38.22 -32.26
C PRO B 104 -28.74 38.33 -31.57
N ARG B 105 -27.88 39.17 -32.11
CA ARG B 105 -26.51 39.30 -31.59
C ARG B 105 -26.51 39.94 -30.21
N PRO B 106 -25.80 39.36 -29.25
CA PRO B 106 -25.63 40.02 -27.95
C PRO B 106 -24.79 41.27 -28.10
N LYS B 107 -24.87 42.13 -27.08
CA LYS B 107 -24.06 43.35 -27.12
C LYS B 107 -22.63 43.07 -26.63
N SER B 108 -22.51 42.52 -25.43
CA SER B 108 -21.19 42.16 -24.90
C SER B 108 -21.44 41.03 -23.91
N THR B 109 -21.26 39.80 -24.36
CA THR B 109 -21.65 38.61 -23.64
C THR B 109 -20.47 37.67 -23.52
N THR B 110 -20.65 36.66 -22.67
CA THR B 110 -19.57 35.76 -22.27
C THR B 110 -19.08 34.92 -23.45
N VAL B 111 -17.80 34.59 -23.43
CA VAL B 111 -17.14 33.81 -24.47
C VAL B 111 -16.50 32.59 -23.83
N MET B 112 -16.82 31.41 -24.35
CA MET B 112 -16.14 30.17 -23.99
C MET B 112 -15.40 29.63 -25.22
N VAL B 113 -14.12 29.33 -25.04
CA VAL B 113 -13.24 28.90 -26.13
C VAL B 113 -12.86 27.44 -25.91
N TRP B 114 -13.37 26.55 -26.76
CA TRP B 114 -13.05 25.13 -26.64
C TRP B 114 -11.66 24.80 -27.18
N ILE B 115 -10.92 24.00 -26.44
CA ILE B 115 -9.58 23.56 -26.82
C ILE B 115 -9.60 22.04 -26.90
N TYR B 116 -9.62 21.48 -28.11
CA TYR B 116 -9.77 20.03 -28.23
C TYR B 116 -8.54 19.30 -27.68
N GLY B 117 -8.76 18.05 -27.27
CA GLY B 117 -7.70 17.16 -26.89
C GLY B 117 -7.41 16.11 -27.96
N GLY B 118 -6.77 15.01 -27.53
CA GLY B 118 -6.29 14.04 -28.48
C GLY B 118 -4.83 13.74 -28.25
N GLY B 119 -4.39 13.84 -26.99
CA GLY B 119 -3.02 13.50 -26.62
C GLY B 119 -1.93 14.34 -27.23
N PHE B 120 -2.27 15.53 -27.72
CA PHE B 120 -1.38 16.38 -28.54
C PHE B 120 -0.93 15.70 -29.83
N TYR B 121 -1.51 14.55 -30.18
CA TYR B 121 -1.19 13.89 -31.43
C TYR B 121 -2.37 13.89 -32.40
N SER B 122 -3.56 14.28 -31.95
CA SER B 122 -4.77 14.17 -32.75
C SER B 122 -5.75 15.24 -32.28
N GLY B 123 -6.82 15.40 -33.04
CA GLY B 123 -7.85 16.33 -32.61
C GLY B 123 -8.26 17.32 -33.68
N SER B 124 -9.54 17.64 -33.70
CA SER B 124 -10.13 18.51 -34.70
C SER B 124 -11.09 19.47 -34.01
N SER B 125 -11.09 20.71 -34.46
CA SER B 125 -12.12 21.62 -34.01
C SER B 125 -13.48 21.33 -34.64
N THR B 126 -13.54 20.44 -35.65
CA THR B 126 -14.72 20.33 -36.49
C THR B 126 -15.51 19.05 -36.28
N LEU B 127 -15.16 18.26 -35.25
CA LEU B 127 -15.88 17.04 -34.90
C LEU B 127 -17.35 17.31 -34.65
N ASP B 128 -18.18 16.29 -34.88
CA ASP B 128 -19.60 16.42 -34.59
C ASP B 128 -19.84 16.75 -33.11
N VAL B 129 -19.08 16.11 -32.21
CA VAL B 129 -19.35 16.26 -30.79
C VAL B 129 -18.95 17.63 -30.25
N TYR B 130 -18.10 18.39 -30.96
CA TYR B 130 -17.82 19.77 -30.62
C TYR B 130 -18.69 20.77 -31.38
N ASN B 131 -19.84 20.34 -31.91
CA ASN B 131 -20.74 21.29 -32.53
C ASN B 131 -21.20 22.29 -31.46
N GLY B 132 -20.81 23.54 -31.63
CA GLY B 132 -21.07 24.55 -30.62
C GLY B 132 -22.45 25.13 -30.63
N LYS B 133 -23.24 24.87 -31.67
CA LYS B 133 -24.53 25.56 -31.81
C LYS B 133 -25.43 25.29 -30.62
N TYR B 134 -25.39 24.08 -30.06
CA TYR B 134 -26.32 23.76 -28.99
C TYR B 134 -26.03 24.58 -27.74
N LEU B 135 -24.78 24.60 -27.29
CA LEU B 135 -24.50 25.26 -26.02
C LEU B 135 -24.52 26.78 -26.15
N ALA B 136 -24.04 27.34 -27.26
CA ALA B 136 -24.17 28.79 -27.46
C ALA B 136 -25.63 29.21 -27.49
N TYR B 137 -26.46 28.47 -28.23
CA TYR B 137 -27.88 28.76 -28.29
C TYR B 137 -28.54 28.67 -26.92
N THR B 138 -28.24 27.62 -26.14
CA THR B 138 -29.01 27.32 -24.95
C THR B 138 -28.65 28.22 -23.77
N GLU B 139 -27.37 28.57 -23.62
CA GLU B 139 -26.94 29.43 -22.51
C GLU B 139 -26.49 30.81 -22.96
N GLU B 140 -26.85 31.22 -24.18
CA GLU B 140 -26.62 32.58 -24.69
C GLU B 140 -25.18 33.03 -24.42
N VAL B 141 -24.24 32.31 -25.03
CA VAL B 141 -22.84 32.66 -24.93
C VAL B 141 -22.23 32.60 -26.32
N VAL B 142 -21.14 33.34 -26.50
CA VAL B 142 -20.36 33.30 -27.74
C VAL B 142 -19.39 32.15 -27.61
N LEU B 143 -19.64 31.07 -28.35
CA LEU B 143 -18.80 29.87 -28.30
C LEU B 143 -17.77 29.91 -29.42
N VAL B 144 -16.50 29.78 -29.06
CA VAL B 144 -15.38 29.73 -29.98
C VAL B 144 -14.70 28.38 -29.84
N SER B 145 -14.20 27.87 -30.96
CA SER B 145 -13.55 26.57 -31.06
C SER B 145 -12.31 26.74 -31.92
N LEU B 146 -11.13 26.63 -31.31
CA LEU B 146 -9.88 26.93 -31.99
C LEU B 146 -9.23 25.64 -32.49
N SER B 147 -8.04 25.78 -33.09
CA SER B 147 -7.25 24.66 -33.60
C SER B 147 -5.77 24.90 -33.28
N TYR B 148 -4.94 23.88 -33.45
CA TYR B 148 -3.50 23.99 -33.20
C TYR B 148 -2.82 22.74 -33.73
N ARG B 149 -1.61 22.91 -34.27
CA ARG B 149 -0.87 21.76 -34.75
C ARG B 149 -0.60 20.76 -33.64
N VAL B 150 -0.71 19.48 -33.99
CA VAL B 150 -0.52 18.39 -33.06
C VAL B 150 0.62 17.50 -33.55
N GLY B 151 1.02 16.58 -32.67
CA GLY B 151 2.17 15.73 -32.92
C GLY B 151 3.40 16.52 -33.34
N ALA B 152 4.17 15.94 -34.26
CA ALA B 152 5.46 16.51 -34.63
C ALA B 152 5.30 17.93 -35.17
N PHE B 153 4.31 18.16 -36.04
CA PHE B 153 4.05 19.50 -36.56
C PHE B 153 3.86 20.50 -35.43
N GLY B 154 3.28 20.07 -34.30
CA GLY B 154 2.96 20.97 -33.21
C GLY B 154 3.99 21.00 -32.09
N PHE B 155 4.84 19.96 -31.97
CA PHE B 155 5.70 19.94 -30.80
C PHE B 155 7.09 19.34 -30.98
N LEU B 156 7.59 19.19 -32.22
CA LEU B 156 8.99 18.88 -32.37
C LEU B 156 9.81 19.91 -31.61
N ALA B 157 10.85 19.45 -30.93
CA ALA B 157 11.49 20.30 -29.93
C ALA B 157 13.01 20.13 -29.92
N LEU B 158 13.71 21.12 -30.50
CA LEU B 158 15.16 21.21 -30.49
C LEU B 158 15.54 22.54 -29.83
N HIS B 159 15.73 22.52 -28.51
CA HIS B 159 15.98 23.74 -27.79
C HIS B 159 17.31 24.37 -28.21
N GLY B 160 17.32 25.70 -28.28
CA GLY B 160 18.46 26.42 -28.82
C GLY B 160 18.20 26.83 -30.26
N SER B 161 17.65 25.89 -31.02
CA SER B 161 17.18 26.21 -32.36
C SER B 161 15.88 26.99 -32.29
N GLN B 162 15.85 28.14 -32.93
CA GLN B 162 14.62 28.90 -33.05
C GLN B 162 13.88 28.60 -34.34
N GLU B 163 14.45 27.75 -35.20
CA GLU B 163 13.68 27.20 -36.31
C GLU B 163 12.71 26.13 -35.84
N ALA B 164 12.96 25.51 -34.69
CA ALA B 164 12.07 24.51 -34.12
C ALA B 164 12.22 24.52 -32.60
N PRO B 165 11.56 25.46 -31.92
CA PRO B 165 11.77 25.64 -30.48
C PRO B 165 10.98 24.67 -29.61
N GLY B 166 9.82 24.25 -30.08
CA GLY B 166 8.91 23.47 -29.28
C GLY B 166 7.77 24.30 -28.75
N ASN B 167 6.77 23.60 -28.24
CA ASN B 167 5.59 24.24 -27.68
C ASN B 167 4.82 25.06 -28.71
N VAL B 168 5.20 24.99 -29.99
CA VAL B 168 4.54 25.85 -30.95
C VAL B 168 3.06 25.48 -31.09
N GLY B 169 2.70 24.23 -30.78
CA GLY B 169 1.28 23.90 -30.76
C GLY B 169 0.54 24.72 -29.74
N LEU B 170 1.14 24.91 -28.57
CA LEU B 170 0.53 25.77 -27.56
C LEU B 170 0.50 27.22 -28.00
N LEU B 171 1.47 27.65 -28.82
CA LEU B 171 1.49 29.02 -29.31
C LEU B 171 0.43 29.27 -30.39
N ASP B 172 0.15 28.28 -31.24
CA ASP B 172 -1.07 28.32 -32.06
C ASP B 172 -2.28 28.67 -31.21
N GLN B 173 -2.41 28.01 -30.05
CA GLN B 173 -3.54 28.29 -29.17
C GLN B 173 -3.54 29.74 -28.73
N ARG B 174 -2.39 30.23 -28.27
CA ARG B 174 -2.37 31.56 -27.69
C ARG B 174 -2.59 32.61 -28.77
N MET B 175 -2.18 32.32 -29.99
CA MET B 175 -2.43 33.25 -31.08
C MET B 175 -3.92 33.30 -31.38
N ALA B 176 -4.56 32.13 -31.39
CA ALA B 176 -6.02 32.10 -31.44
C ALA B 176 -6.62 32.85 -30.27
N LEU B 177 -6.01 32.71 -29.08
CA LEU B 177 -6.53 33.42 -27.91
C LEU B 177 -6.41 34.93 -28.08
N GLN B 178 -5.32 35.42 -28.67
CA GLN B 178 -5.24 36.86 -28.87
C GLN B 178 -6.17 37.30 -30.01
N TRP B 179 -6.39 36.44 -31.00
CA TRP B 179 -7.39 36.80 -32.00
C TRP B 179 -8.75 37.03 -31.37
N VAL B 180 -9.15 36.17 -30.43
CA VAL B 180 -10.39 36.40 -29.71
C VAL B 180 -10.30 37.71 -28.96
N HIS B 181 -9.14 37.99 -28.36
CA HIS B 181 -9.01 39.21 -27.57
C HIS B 181 -9.28 40.41 -28.43
N ASP B 182 -8.75 40.41 -29.64
CA ASP B 182 -8.83 41.60 -30.47
C ASP B 182 -10.14 41.66 -31.25
N ASN B 183 -10.77 40.53 -31.54
CA ASN B 183 -11.89 40.57 -32.48
C ASN B 183 -13.21 40.08 -31.93
N ILE B 184 -13.24 39.44 -30.76
CA ILE B 184 -14.50 38.84 -30.33
C ILE B 184 -15.57 39.91 -30.16
N GLN B 185 -15.17 41.13 -29.80
CA GLN B 185 -16.15 42.19 -29.57
C GLN B 185 -17.06 42.43 -30.77
N PHE B 186 -16.58 42.16 -31.99
CA PHE B 186 -17.36 42.33 -33.22
C PHE B 186 -18.40 41.24 -33.43
N PHE B 187 -18.37 40.17 -32.66
CA PHE B 187 -19.42 39.18 -32.71
C PHE B 187 -20.33 39.31 -31.49
N GLY B 188 -20.20 40.41 -30.75
CA GLY B 188 -20.92 40.62 -29.52
C GLY B 188 -20.36 39.87 -28.34
N GLY B 189 -19.12 39.37 -28.43
CA GLY B 189 -18.47 38.77 -27.29
C GLY B 189 -17.69 39.78 -26.48
N ASP B 190 -17.47 39.46 -25.20
CA ASP B 190 -16.72 40.34 -24.31
C ASP B 190 -15.33 39.75 -24.06
N PRO B 191 -14.25 40.35 -24.56
CA PRO B 191 -12.91 39.82 -24.27
C PRO B 191 -12.53 39.87 -22.80
N LYS B 192 -13.29 40.58 -21.97
CA LYS B 192 -13.04 40.64 -20.54
C LYS B 192 -13.71 39.51 -19.77
N THR B 193 -14.48 38.66 -20.46
CA THR B 193 -15.14 37.53 -19.83
C THR B 193 -14.95 36.29 -20.73
N VAL B 194 -13.69 35.91 -20.94
CA VAL B 194 -13.33 34.74 -21.73
C VAL B 194 -13.02 33.55 -20.82
N THR B 195 -13.53 32.39 -21.19
CA THR B 195 -13.31 31.15 -20.46
C THR B 195 -12.73 30.12 -21.42
N ILE B 196 -11.43 29.85 -21.31
CA ILE B 196 -10.86 28.74 -22.04
C ILE B 196 -11.29 27.43 -21.38
N PHE B 197 -11.52 26.41 -22.20
CA PHE B 197 -11.82 25.10 -21.62
C PHE B 197 -11.53 24.00 -22.63
N GLY B 198 -11.01 22.90 -22.13
CA GLY B 198 -10.59 21.80 -22.98
C GLY B 198 -10.53 20.51 -22.21
N GLU B 199 -10.44 19.42 -22.96
CA GLU B 199 -10.50 18.07 -22.41
C GLU B 199 -9.22 17.33 -22.76
N SER B 200 -8.71 16.57 -21.79
CA SER B 200 -7.55 15.70 -21.96
C SER B 200 -6.38 16.60 -22.38
N ALA B 201 -5.82 16.43 -23.58
CA ALA B 201 -4.81 17.37 -24.04
C ALA B 201 -5.32 18.80 -23.97
N GLY B 202 -6.62 19.00 -24.21
CA GLY B 202 -7.19 20.33 -24.06
C GLY B 202 -7.10 20.84 -22.63
N GLY B 203 -7.58 20.03 -21.68
CA GLY B 203 -7.52 20.43 -20.29
C GLY B 203 -6.09 20.68 -19.82
N ALA B 204 -5.15 19.84 -20.25
CA ALA B 204 -3.75 20.11 -19.93
C ALA B 204 -3.35 21.47 -20.45
N SER B 205 -3.75 21.80 -21.68
CA SER B 205 -3.44 23.10 -22.26
C SER B 205 -4.04 24.24 -21.46
N VAL B 206 -5.36 24.17 -21.22
CA VAL B 206 -6.02 25.12 -20.33
C VAL B 206 -5.16 25.31 -19.10
N GLY B 207 -4.74 24.19 -18.51
CA GLY B 207 -3.79 24.27 -17.42
C GLY B 207 -2.58 25.10 -17.76
N MET B 208 -1.94 24.83 -18.90
CA MET B 208 -0.64 25.47 -19.12
C MET B 208 -0.77 26.94 -19.52
N HIS B 209 -1.95 27.39 -19.90
CA HIS B 209 -2.04 28.82 -20.09
C HIS B 209 -2.14 29.53 -18.74
N ILE B 210 -2.68 28.85 -17.72
CA ILE B 210 -2.66 29.53 -16.44
C ILE B 210 -1.25 29.54 -15.84
N LEU B 211 -0.37 28.65 -16.26
CA LEU B 211 1.04 28.79 -15.87
C LEU B 211 1.78 29.83 -16.70
N SER B 212 1.57 29.86 -18.00
CA SER B 212 2.47 30.61 -18.85
C SER B 212 2.16 32.09 -18.80
N PRO B 213 3.16 32.92 -18.48
CA PRO B 213 2.93 34.39 -18.42
C PRO B 213 2.38 34.99 -19.70
N GLY B 214 2.96 34.62 -20.84
CA GLY B 214 2.46 35.04 -22.15
C GLY B 214 1.01 34.64 -22.41
N SER B 215 0.40 33.88 -21.52
CA SER B 215 -0.98 33.48 -21.67
C SER B 215 -1.92 34.03 -20.61
N ARG B 216 -1.40 34.44 -19.44
CA ARG B 216 -2.27 34.71 -18.29
C ARG B 216 -3.33 35.72 -18.63
N ASP B 217 -3.00 36.70 -19.46
CA ASP B 217 -3.86 37.84 -19.66
C ASP B 217 -4.80 37.69 -20.84
N LEU B 218 -4.92 36.49 -21.41
CA LEU B 218 -5.76 36.27 -22.59
C LEU B 218 -7.07 35.55 -22.30
N PHE B 219 -7.43 35.42 -21.03
CA PHE B 219 -8.70 34.81 -20.67
C PHE B 219 -8.96 35.17 -19.23
N ARG B 220 -10.16 34.83 -18.77
CA ARG B 220 -10.56 35.21 -17.42
C ARG B 220 -10.57 34.01 -16.47
N ARG B 221 -11.21 32.92 -16.88
CA ARG B 221 -11.41 31.72 -16.08
C ARG B 221 -10.96 30.52 -16.89
N ALA B 222 -11.11 29.34 -16.28
CA ALA B 222 -10.56 28.12 -16.84
C ALA B 222 -11.39 26.93 -16.37
N ILE B 223 -11.85 26.13 -17.31
CA ILE B 223 -12.46 24.84 -17.02
C ILE B 223 -11.52 23.75 -17.51
N LEU B 224 -11.22 22.77 -16.65
CA LEU B 224 -10.37 21.65 -17.00
C LEU B 224 -11.14 20.33 -16.87
N GLN B 225 -11.14 19.53 -17.93
CA GLN B 225 -11.86 18.26 -17.92
C GLN B 225 -10.88 17.12 -18.23
N SER B 226 -10.66 16.23 -17.26
CA SER B 226 -9.83 15.04 -17.44
C SER B 226 -8.45 15.37 -18.04
N GLY B 227 -7.82 16.42 -17.49
CA GLY B 227 -6.53 16.87 -17.97
C GLY B 227 -5.93 17.94 -17.07
N SER B 228 -4.60 17.92 -16.94
CA SER B 228 -3.92 18.81 -16.02
C SER B 228 -2.56 19.12 -16.57
N PRO B 229 -2.01 20.30 -16.29
CA PRO B 229 -0.68 20.60 -16.81
C PRO B 229 0.37 19.61 -16.33
N ASN B 230 0.23 19.11 -15.11
CA ASN B 230 1.23 18.24 -14.51
C ASN B 230 1.05 16.77 -14.87
N CYS B 231 0.24 16.47 -15.89
CA CYS B 231 0.00 15.07 -16.23
C CYS B 231 1.31 14.40 -16.66
N PRO B 232 1.53 13.13 -16.31
CA PRO B 232 2.81 12.49 -16.65
C PRO B 232 3.03 12.37 -18.14
N TRP B 233 1.94 12.29 -18.92
CA TRP B 233 2.04 12.23 -20.36
C TRP B 233 2.07 13.60 -21.03
N ALA B 234 1.82 14.67 -20.28
CA ALA B 234 1.55 15.98 -20.84
C ALA B 234 2.81 16.76 -21.20
N SER B 235 3.99 16.36 -20.74
CA SER B 235 5.16 17.16 -21.07
C SER B 235 6.42 16.29 -21.00
N VAL B 236 7.54 16.90 -21.40
CA VAL B 236 8.84 16.24 -21.41
C VAL B 236 9.90 17.30 -21.17
N SER B 237 11.14 16.86 -20.95
CA SER B 237 12.24 17.79 -20.81
C SER B 237 12.82 18.08 -22.20
N VAL B 238 13.70 19.09 -22.26
CA VAL B 238 14.38 19.40 -23.51
C VAL B 238 15.22 18.22 -23.95
N ALA B 239 15.88 17.56 -23.00
CA ALA B 239 16.73 16.43 -23.33
C ALA B 239 15.92 15.32 -23.99
N GLU B 240 14.80 14.93 -23.39
CA GLU B 240 13.95 13.94 -24.02
C GLU B 240 13.38 14.48 -25.32
N GLY B 241 12.90 15.72 -25.30
CA GLY B 241 12.27 16.27 -26.49
C GLY B 241 13.23 16.33 -27.67
N ARG B 242 14.52 16.53 -27.38
CA ARG B 242 15.49 16.57 -28.48
C ARG B 242 15.83 15.16 -28.92
N ARG B 243 16.05 14.25 -27.97
CA ARG B 243 16.39 12.89 -28.37
C ARG B 243 15.26 12.29 -29.20
N ARG B 244 14.01 12.65 -28.89
CA ARG B 244 12.92 12.17 -29.72
C ARG B 244 12.87 12.89 -31.07
N ALA B 245 13.18 14.19 -31.09
CA ALA B 245 13.34 14.85 -32.37
C ALA B 245 14.41 14.16 -33.20
N VAL B 246 15.55 13.86 -32.57
CA VAL B 246 16.65 13.26 -33.29
C VAL B 246 16.30 11.84 -33.74
N GLU B 247 15.60 11.09 -32.89
CA GLU B 247 15.27 9.72 -33.25
C GLU B 247 14.25 9.69 -34.37
N LEU B 248 13.45 10.74 -34.49
CA LEU B 248 12.59 10.88 -35.66
C LEU B 248 13.42 11.04 -36.93
N GLY B 249 14.44 11.90 -36.90
CA GLY B 249 15.32 12.01 -38.04
C GLY B 249 15.99 10.70 -38.41
N ARG B 250 16.44 9.96 -37.39
CA ARG B 250 17.04 8.65 -37.64
C ARG B 250 16.07 7.74 -38.36
N ASN B 251 14.79 7.83 -38.02
CA ASN B 251 13.79 7.00 -38.66
C ASN B 251 13.50 7.42 -40.11
N LEU B 252 14.04 8.55 -40.57
CA LEU B 252 13.81 8.98 -41.95
C LEU B 252 15.09 9.22 -42.74
N ASN B 253 16.25 8.74 -42.24
CA ASN B 253 17.55 8.85 -42.91
C ASN B 253 18.04 10.29 -43.01
N CYS B 254 17.70 11.12 -42.03
CA CYS B 254 18.05 12.53 -42.06
C CYS B 254 19.49 12.77 -41.62
N ASN B 255 20.01 13.93 -42.03
CA ASN B 255 21.34 14.33 -41.58
C ASN B 255 21.26 14.77 -40.12
N LEU B 256 22.08 14.18 -39.26
CA LEU B 256 21.88 14.28 -37.82
C LEU B 256 23.01 15.02 -37.11
N ASN B 257 23.79 15.82 -37.84
CA ASN B 257 24.95 16.47 -37.24
C ASN B 257 24.59 17.81 -36.60
N SER B 258 23.92 18.68 -37.34
CA SER B 258 23.37 19.90 -36.78
C SER B 258 21.86 19.81 -36.76
N ASP B 259 21.25 20.76 -36.07
CA ASP B 259 19.80 20.86 -36.15
C ASP B 259 19.37 21.43 -37.48
N GLU B 260 20.04 22.48 -37.95
CA GLU B 260 19.63 23.15 -39.18
C GLU B 260 19.46 22.14 -40.31
N GLU B 261 20.41 21.20 -40.43
CA GLU B 261 20.25 20.12 -41.41
C GLU B 261 19.15 19.16 -41.00
N LEU B 262 19.11 18.80 -39.72
CA LEU B 262 18.03 17.98 -39.21
C LEU B 262 16.67 18.60 -39.57
N ILE B 263 16.43 19.85 -39.18
CA ILE B 263 15.13 20.45 -39.46
C ILE B 263 14.92 20.58 -40.96
N HIS B 264 15.98 20.95 -41.70
CA HIS B 264 15.92 21.00 -43.16
C HIS B 264 15.32 19.71 -43.68
N CYS B 265 16.08 18.62 -43.59
CA CYS B 265 15.66 17.27 -43.94
C CYS B 265 14.21 16.97 -43.60
N LEU B 266 13.75 17.41 -42.41
CA LEU B 266 12.41 17.07 -41.96
C LEU B 266 11.32 17.86 -42.71
N ARG B 267 11.57 19.13 -43.04
CA ARG B 267 10.55 19.91 -43.75
C ARG B 267 10.42 19.54 -45.21
N GLU B 268 11.36 18.77 -45.76
CA GLU B 268 11.16 18.25 -47.10
C GLU B 268 10.32 16.98 -47.12
N LYS B 269 10.28 16.26 -45.99
CA LYS B 269 9.44 15.09 -45.91
C LYS B 269 7.96 15.48 -46.05
N LYS B 270 7.20 14.64 -46.74
CA LYS B 270 5.76 14.84 -46.82
C LYS B 270 5.11 14.56 -45.46
N PRO B 271 4.05 15.29 -45.12
CA PRO B 271 3.53 15.19 -43.75
C PRO B 271 3.25 13.77 -43.30
N GLN B 272 2.68 12.93 -44.16
CA GLN B 272 2.35 11.59 -43.71
C GLN B 272 3.59 10.74 -43.46
N GLU B 273 4.71 11.06 -44.14
CA GLU B 273 5.97 10.41 -43.80
C GLU B 273 6.39 10.70 -42.35
N LEU B 274 5.95 11.82 -41.79
CA LEU B 274 6.22 12.04 -40.38
C LEU B 274 5.26 11.25 -39.52
N ILE B 275 3.99 11.20 -39.93
CA ILE B 275 2.98 10.49 -39.17
C ILE B 275 3.27 9.00 -39.12
N ASP B 276 3.68 8.42 -40.25
CA ASP B 276 3.83 6.97 -40.35
C ASP B 276 4.90 6.42 -39.43
N VAL B 277 5.86 7.24 -39.03
CA VAL B 277 6.89 6.82 -38.07
C VAL B 277 6.70 7.44 -36.70
N GLU B 278 5.86 8.47 -36.56
CA GLU B 278 5.57 9.17 -35.31
C GLU B 278 5.83 8.33 -34.06
N TRP B 279 5.19 7.17 -33.96
CA TRP B 279 5.23 6.41 -32.71
C TRP B 279 6.56 5.72 -32.44
N ASN B 280 7.41 5.52 -33.46
CA ASN B 280 8.64 4.73 -33.30
C ASN B 280 9.67 5.37 -32.34
N VAL B 281 9.26 6.46 -31.69
CA VAL B 281 10.20 7.35 -31.02
C VAL B 281 10.03 7.35 -29.49
N LEU B 282 8.91 6.83 -28.98
CA LEU B 282 8.70 6.68 -27.54
C LEU B 282 9.83 5.86 -26.92
N PRO B 283 10.10 6.02 -25.62
CA PRO B 283 11.28 5.39 -25.04
C PRO B 283 11.00 3.96 -24.57
N PHE B 284 9.73 3.63 -24.33
CA PHE B 284 9.37 2.31 -23.82
C PHE B 284 8.06 1.85 -24.44
N ASP B 285 7.90 0.54 -24.54
CA ASP B 285 6.58 -0.01 -24.84
C ASP B 285 5.66 0.42 -23.71
N SER B 286 4.68 1.27 -23.99
CA SER B 286 3.90 1.87 -22.94
C SER B 286 2.47 2.06 -23.42
N ILE B 287 1.62 2.53 -22.50
CA ILE B 287 0.27 3.02 -22.80
C ILE B 287 0.11 4.39 -22.17
N PHE B 288 -0.77 5.21 -22.77
CA PHE B 288 -1.01 6.59 -22.32
C PHE B 288 0.25 7.45 -22.36
N ARG B 289 1.08 7.27 -23.39
CA ARG B 289 2.21 8.16 -23.63
C ARG B 289 2.30 8.50 -25.12
N PHE B 290 2.73 9.73 -25.41
CA PHE B 290 2.66 10.27 -26.76
C PHE B 290 3.96 10.94 -27.15
N SER B 291 4.24 10.93 -28.46
CA SER B 291 5.58 11.18 -28.97
C SER B 291 6.02 12.63 -28.79
N PHE B 292 5.25 13.57 -29.32
CA PHE B 292 5.62 14.99 -29.22
C PHE B 292 4.55 15.75 -28.45
N VAL B 293 4.95 16.28 -27.30
CA VAL B 293 4.07 16.91 -26.32
C VAL B 293 4.81 18.17 -25.92
N PRO B 294 4.20 19.07 -25.17
CA PRO B 294 4.95 20.23 -24.67
C PRO B 294 6.26 19.90 -23.96
N VAL B 295 7.18 20.88 -24.00
CA VAL B 295 8.51 20.79 -23.40
C VAL B 295 8.59 21.82 -22.28
N ILE B 296 9.21 21.46 -21.16
CA ILE B 296 9.50 22.46 -20.14
C ILE B 296 10.77 23.17 -20.58
N ASP B 297 10.60 24.25 -21.36
CA ASP B 297 11.65 24.89 -22.14
C ASP B 297 12.31 26.04 -21.41
N GLY B 298 11.64 26.66 -20.46
CA GLY B 298 12.15 27.85 -19.82
C GLY B 298 11.67 29.15 -20.41
N GLU B 299 10.76 29.13 -21.39
CA GLU B 299 10.21 30.35 -21.97
C GLU B 299 8.70 30.35 -21.85
N PHE B 300 8.00 29.48 -22.58
CA PHE B 300 6.59 29.29 -22.30
C PHE B 300 6.39 28.91 -20.83
N PHE B 301 7.21 27.98 -20.33
CA PHE B 301 7.21 27.56 -18.94
C PHE B 301 8.45 28.09 -18.24
N PRO B 302 8.36 29.18 -17.48
CA PRO B 302 9.58 29.79 -16.91
C PRO B 302 10.43 28.87 -16.04
N THR B 303 9.82 28.04 -15.20
CA THR B 303 10.56 27.00 -14.46
C THR B 303 9.75 25.71 -14.54
N SER B 304 10.13 24.76 -13.69
CA SER B 304 9.43 23.50 -13.61
C SER B 304 8.00 23.71 -13.11
N LEU B 305 7.11 22.79 -13.51
CA LEU B 305 5.70 22.93 -13.15
C LEU B 305 5.53 22.90 -11.64
N GLU B 306 6.29 22.05 -10.95
CA GLU B 306 6.14 21.93 -9.49
C GLU B 306 6.52 23.24 -8.79
N SER B 307 7.67 23.80 -9.16
CA SER B 307 8.09 25.07 -8.55
C SER B 307 7.03 26.15 -8.73
N MET B 308 6.38 26.19 -9.90
CA MET B 308 5.35 27.20 -10.14
C MET B 308 4.11 26.92 -9.29
N LEU B 309 3.71 25.66 -9.20
CA LEU B 309 2.60 25.29 -8.32
C LEU B 309 2.90 25.64 -6.86
N ASN B 310 4.11 25.38 -6.38
CA ASN B 310 4.42 25.68 -4.98
C ASN B 310 4.55 27.17 -4.76
N SER B 311 5.33 27.85 -5.59
CA SER B 311 5.59 29.27 -5.38
C SER B 311 4.36 30.13 -5.65
N GLY B 312 3.30 29.56 -6.22
CA GLY B 312 2.15 30.35 -6.62
C GLY B 312 2.31 31.06 -7.94
N ASN B 313 3.33 30.72 -8.72
CA ASN B 313 3.67 31.44 -9.94
C ASN B 313 2.77 30.99 -11.10
N PHE B 314 1.51 31.39 -11.01
CA PHE B 314 0.55 31.15 -12.08
C PHE B 314 -0.54 32.21 -11.95
N LYS B 315 -1.62 32.07 -12.71
CA LYS B 315 -2.66 33.09 -12.66
C LYS B 315 -3.70 32.73 -11.61
N LYS B 316 -4.10 33.72 -10.84
CA LYS B 316 -5.04 33.53 -9.76
C LYS B 316 -6.44 33.85 -10.26
N THR B 317 -7.26 32.83 -10.43
CA THR B 317 -8.62 33.03 -10.90
C THR B 317 -9.47 31.95 -10.27
N GLN B 318 -10.63 31.67 -10.88
CA GLN B 318 -11.48 30.54 -10.52
C GLN B 318 -11.37 29.46 -11.57
N ILE B 319 -11.23 28.20 -11.13
CA ILE B 319 -11.19 27.07 -12.04
C ILE B 319 -12.35 26.14 -11.73
N LEU B 320 -12.76 25.42 -12.76
CA LEU B 320 -13.79 24.41 -12.74
C LEU B 320 -13.17 23.15 -13.34
N LEU B 321 -13.11 22.07 -12.58
CA LEU B 321 -12.38 20.92 -13.13
C LEU B 321 -12.88 19.63 -12.53
N GLY B 322 -12.47 18.54 -13.15
CA GLY B 322 -12.93 17.22 -12.72
C GLY B 322 -12.56 16.15 -13.73
N VAL B 323 -13.05 14.95 -13.44
CA VAL B 323 -12.61 13.74 -14.12
C VAL B 323 -13.82 12.83 -14.29
N ASN B 324 -13.67 11.83 -15.16
CA ASN B 324 -14.65 10.78 -15.29
C ASN B 324 -14.20 9.55 -14.53
N LYS B 325 -15.16 8.63 -14.33
CA LYS B 325 -14.96 7.53 -13.38
C LYS B 325 -13.91 6.53 -13.88
N ASP B 326 -13.78 6.36 -15.19
CA ASP B 326 -12.92 5.30 -15.75
C ASP B 326 -12.07 5.88 -16.89
N GLU B 327 -11.20 6.82 -16.53
CA GLU B 327 -10.32 7.45 -17.50
C GLU B 327 -9.51 6.44 -18.30
N GLY B 328 -9.10 5.33 -17.67
CA GLY B 328 -8.12 4.50 -18.33
C GLY B 328 -8.66 3.40 -19.23
N SER B 329 -9.97 3.16 -19.19
CA SER B 329 -10.52 1.97 -19.85
C SER B 329 -10.25 2.02 -21.35
N PHE B 330 -10.38 3.20 -21.96
CA PHE B 330 -10.09 3.32 -23.38
C PHE B 330 -8.64 2.93 -23.69
N PHE B 331 -7.71 3.35 -22.84
CA PHE B 331 -6.29 3.15 -23.13
C PHE B 331 -5.83 1.71 -22.90
N LEU B 332 -6.49 0.95 -22.03
CA LEU B 332 -6.12 -0.45 -21.95
C LEU B 332 -6.67 -1.25 -23.12
N LEU B 333 -7.83 -0.87 -23.64
CA LEU B 333 -8.39 -1.55 -24.81
C LEU B 333 -7.44 -1.47 -26.00
N TYR B 334 -6.67 -0.40 -26.10
CA TYR B 334 -5.80 -0.22 -27.26
C TYR B 334 -4.38 -0.75 -27.04
N GLY B 335 -3.97 -1.01 -25.81
CA GLY B 335 -2.55 -1.24 -25.62
C GLY B 335 -2.14 -2.36 -24.69
N ALA B 336 -3.08 -2.92 -23.93
CA ALA B 336 -2.68 -3.87 -22.89
C ALA B 336 -3.28 -5.26 -23.14
N PRO B 337 -2.52 -6.31 -22.89
CA PRO B 337 -2.96 -7.66 -23.29
C PRO B 337 -4.21 -8.11 -22.57
N GLY B 338 -5.09 -8.79 -23.32
CA GLY B 338 -6.30 -9.39 -22.79
C GLY B 338 -7.54 -8.51 -22.81
N PHE B 339 -7.39 -7.22 -23.10
CA PHE B 339 -8.55 -6.37 -23.27
C PHE B 339 -9.06 -6.53 -24.68
N SER B 340 -10.34 -6.80 -24.81
CA SER B 340 -11.00 -6.87 -26.10
C SER B 340 -12.26 -6.02 -26.04
N LYS B 341 -12.63 -5.47 -27.20
CA LYS B 341 -13.83 -4.65 -27.28
C LYS B 341 -15.10 -5.47 -27.14
N ASP B 342 -15.05 -6.76 -27.52
CA ASP B 342 -16.24 -7.60 -27.61
C ASP B 342 -16.34 -8.58 -26.45
N SER B 343 -15.64 -8.31 -25.36
CA SER B 343 -15.49 -9.25 -24.26
C SER B 343 -15.70 -8.49 -22.95
N GLU B 344 -15.72 -9.24 -21.85
CA GLU B 344 -15.61 -8.64 -20.52
C GLU B 344 -14.17 -8.39 -20.13
N SER B 345 -13.22 -8.78 -20.96
CA SER B 345 -11.80 -8.55 -20.72
C SER B 345 -11.40 -8.91 -19.29
N LYS B 346 -11.86 -10.07 -18.84
CA LYS B 346 -11.34 -10.59 -17.59
C LYS B 346 -9.85 -10.82 -17.73
N ILE B 347 -9.07 -10.26 -16.82
CA ILE B 347 -7.63 -10.22 -16.97
C ILE B 347 -7.01 -11.29 -16.10
N SER B 348 -6.33 -12.24 -16.74
CA SER B 348 -5.47 -13.14 -15.99
C SER B 348 -4.33 -12.36 -15.36
N ARG B 349 -3.72 -12.97 -14.34
CA ARG B 349 -2.78 -12.22 -13.53
C ARG B 349 -1.46 -11.99 -14.26
N GLU B 350 -1.00 -12.98 -15.04
CA GLU B 350 0.20 -12.74 -15.83
C GLU B 350 -0.01 -11.62 -16.85
N ASP B 351 -1.23 -11.46 -17.38
CA ASP B 351 -1.53 -10.28 -18.18
C ASP B 351 -1.66 -9.03 -17.32
N PHE B 352 -2.11 -9.20 -16.07
CA PHE B 352 -2.24 -8.05 -15.19
C PHE B 352 -0.91 -7.38 -14.95
N MET B 353 0.15 -8.17 -14.88
CA MET B 353 1.41 -7.52 -14.56
C MET B 353 2.15 -7.05 -15.80
N SER B 354 1.90 -7.67 -16.95
CA SER B 354 2.18 -7.01 -18.22
C SER B 354 1.48 -5.66 -18.27
N GLY B 355 0.24 -5.62 -17.78
CA GLY B 355 -0.49 -4.37 -17.72
C GLY B 355 0.21 -3.30 -16.90
N VAL B 356 0.60 -3.62 -15.66
CA VAL B 356 1.11 -2.52 -14.85
C VAL B 356 2.46 -2.07 -15.40
N LYS B 357 3.23 -3.00 -15.97
CA LYS B 357 4.52 -2.61 -16.54
C LYS B 357 4.30 -1.62 -17.70
N LEU B 358 3.40 -1.98 -18.61
CA LEU B 358 2.97 -1.07 -19.66
C LEU B 358 2.41 0.23 -19.06
N SER B 359 1.78 0.15 -17.88
CA SER B 359 1.09 1.32 -17.35
C SER B 359 2.03 2.28 -16.66
N VAL B 360 3.10 1.79 -16.03
CA VAL B 360 4.05 2.68 -15.39
C VAL B 360 5.42 2.49 -16.04
N PRO B 361 5.59 2.90 -17.29
CA PRO B 361 6.81 2.56 -18.03
C PRO B 361 8.09 3.11 -17.42
N HIS B 362 8.03 4.17 -16.63
CA HIS B 362 9.25 4.76 -16.09
C HIS B 362 9.64 4.15 -14.73
N ALA B 363 8.89 3.19 -14.23
CA ALA B 363 9.14 2.65 -12.91
C ALA B 363 10.31 1.66 -12.91
N ASN B 364 11.20 1.80 -11.93
CA ASN B 364 12.11 0.70 -11.63
C ASN B 364 11.31 -0.50 -11.11
N ASP B 365 11.97 -1.64 -10.99
CA ASP B 365 11.23 -2.83 -10.60
C ASP B 365 10.65 -2.67 -9.19
N LEU B 366 11.42 -2.10 -8.27
CA LEU B 366 10.86 -1.83 -6.94
C LEU B 366 9.59 -0.98 -7.03
N GLY B 367 9.58 0.02 -7.91
CA GLY B 367 8.36 0.75 -8.18
C GLY B 367 7.26 -0.15 -8.74
N LEU B 368 7.62 -1.11 -9.58
CA LEU B 368 6.62 -2.03 -10.11
C LEU B 368 5.92 -2.80 -9.00
N ASP B 369 6.66 -3.41 -8.08
CA ASP B 369 5.98 -4.16 -7.02
C ASP B 369 5.12 -3.24 -6.16
N ALA B 370 5.61 -2.03 -5.90
CA ALA B 370 4.82 -1.04 -5.16
C ALA B 370 3.47 -0.82 -5.83
N VAL B 371 3.46 -0.47 -7.12
CA VAL B 371 2.19 -0.33 -7.82
C VAL B 371 1.39 -1.62 -7.75
N THR B 372 2.05 -2.76 -7.94
CA THR B 372 1.31 -4.02 -8.00
C THR B 372 0.59 -4.31 -6.69
N LEU B 373 1.30 -4.21 -5.57
CA LEU B 373 0.66 -4.55 -4.30
C LEU B 373 -0.40 -3.52 -3.91
N GLN B 374 -0.34 -2.31 -4.46
CA GLN B 374 -1.36 -1.38 -4.00
C GLN B 374 -2.68 -1.52 -4.77
N TYR B 375 -2.69 -2.26 -5.87
CA TYR B 375 -3.95 -2.46 -6.58
C TYR B 375 -4.33 -3.94 -6.68
N THR B 376 -3.94 -4.77 -5.71
CA THR B 376 -4.16 -6.20 -5.79
C THR B 376 -4.87 -6.72 -4.55
N ASP B 377 -5.99 -7.41 -4.75
CA ASP B 377 -6.71 -8.08 -3.67
C ASP B 377 -6.05 -9.45 -3.46
N TRP B 378 -5.12 -9.54 -2.52
CA TRP B 378 -4.37 -10.79 -2.39
C TRP B 378 -5.19 -11.90 -1.76
N MET B 379 -6.49 -11.74 -1.50
CA MET B 379 -7.35 -12.90 -1.27
C MET B 379 -8.01 -13.38 -2.56
N ASP B 380 -7.56 -12.91 -3.72
CA ASP B 380 -8.31 -13.06 -4.97
C ASP B 380 -7.48 -12.54 -6.14
N ASP B 381 -6.21 -12.95 -6.24
CA ASP B 381 -5.33 -12.36 -7.25
C ASP B 381 -5.63 -12.83 -8.67
N ASN B 382 -6.27 -13.99 -8.86
CA ASN B 382 -6.68 -14.45 -10.17
C ASN B 382 -8.16 -14.18 -10.44
N ASN B 383 -8.70 -13.12 -9.85
CA ASN B 383 -10.08 -12.70 -10.10
C ASN B 383 -10.03 -11.75 -11.29
N GLY B 384 -10.09 -12.34 -12.48
CA GLY B 384 -10.15 -11.62 -13.74
C GLY B 384 -10.82 -10.26 -13.71
N ILE B 385 -11.99 -10.16 -13.07
CA ILE B 385 -12.65 -8.86 -12.96
C ILE B 385 -11.75 -7.88 -12.22
N LYS B 386 -11.48 -8.18 -10.94
CA LYS B 386 -10.73 -7.26 -10.11
C LYS B 386 -9.38 -6.93 -10.72
N ASN B 387 -8.76 -7.87 -11.43
CA ASN B 387 -7.51 -7.52 -12.08
C ASN B 387 -7.74 -6.51 -13.19
N ARG B 388 -8.81 -6.67 -13.96
CA ARG B 388 -9.07 -5.71 -15.03
C ARG B 388 -9.58 -4.40 -14.45
N ASP B 389 -10.58 -4.47 -13.57
CA ASP B 389 -10.95 -3.30 -12.79
C ASP B 389 -9.73 -2.67 -12.16
N GLY B 390 -8.86 -3.48 -11.55
CA GLY B 390 -7.65 -2.95 -10.94
C GLY B 390 -6.80 -2.16 -11.92
N LEU B 391 -6.46 -2.78 -13.06
CA LEU B 391 -5.61 -2.13 -14.05
C LEU B 391 -6.24 -0.84 -14.58
N ASP B 392 -7.56 -0.85 -14.75
CA ASP B 392 -8.28 0.37 -15.08
C ASP B 392 -7.93 1.50 -14.12
N ASP B 393 -8.10 1.26 -12.82
CA ASP B 393 -7.81 2.29 -11.83
C ASP B 393 -6.36 2.77 -11.93
N ILE B 394 -5.41 1.85 -12.11
CA ILE B 394 -3.99 2.20 -12.20
C ILE B 394 -3.74 3.29 -13.24
N VAL B 395 -4.18 3.08 -14.48
CA VAL B 395 -3.86 4.07 -15.51
C VAL B 395 -4.79 5.27 -15.39
N GLY B 396 -6.03 5.05 -14.93
CA GLY B 396 -6.90 6.18 -14.62
C GLY B 396 -6.31 7.07 -13.53
N ASP B 397 -5.93 6.46 -12.40
CA ASP B 397 -5.37 7.22 -11.29
C ASP B 397 -4.02 7.83 -11.66
N HIS B 398 -3.17 7.07 -12.33
CA HIS B 398 -1.80 7.54 -12.52
C HIS B 398 -1.72 8.66 -13.56
N ASN B 399 -2.58 8.63 -14.59
CA ASN B 399 -2.44 9.56 -15.71
C ASN B 399 -3.42 10.72 -15.69
N VAL B 400 -4.50 10.62 -14.93
CA VAL B 400 -5.48 11.70 -14.93
C VAL B 400 -5.84 12.10 -13.49
N ILE B 401 -6.64 11.25 -12.83
CA ILE B 401 -7.20 11.49 -11.50
C ILE B 401 -6.21 12.18 -10.57
N CYS B 402 -5.12 11.48 -10.29
CA CYS B 402 -4.25 11.90 -9.22
C CYS B 402 -3.42 13.12 -9.64
N PRO B 403 -2.84 13.15 -10.84
CA PRO B 403 -2.23 14.41 -11.29
C PRO B 403 -3.16 15.61 -11.14
N LEU B 404 -4.42 15.48 -11.55
CA LEU B 404 -5.35 16.58 -11.45
C LEU B 404 -5.56 17.00 -9.99
N MET B 405 -5.79 16.02 -9.09
CA MET B 405 -5.94 16.38 -7.68
C MET B 405 -4.71 17.07 -7.12
N HIS B 406 -3.52 16.61 -7.50
CA HIS B 406 -2.32 17.34 -7.13
C HIS B 406 -2.43 18.79 -7.58
N PHE B 407 -2.92 19.01 -8.80
CA PHE B 407 -3.05 20.37 -9.30
C PHE B 407 -4.15 21.11 -8.55
N VAL B 408 -5.26 20.43 -8.27
CA VAL B 408 -6.37 21.14 -7.66
C VAL B 408 -6.03 21.55 -6.23
N ASN B 409 -5.19 20.77 -5.54
CA ASN B 409 -4.77 21.19 -4.20
C ASN B 409 -3.70 22.27 -4.29
N LYS B 410 -2.72 22.10 -5.19
CA LYS B 410 -1.68 23.12 -5.35
C LYS B 410 -2.27 24.47 -5.76
N TYR B 411 -3.27 24.43 -6.64
CA TYR B 411 -3.85 25.65 -7.17
C TYR B 411 -4.70 26.35 -6.11
N THR B 412 -5.50 25.57 -5.38
CA THR B 412 -6.45 26.11 -4.41
C THR B 412 -5.76 26.91 -3.32
N LYS B 413 -4.48 26.68 -3.07
CA LYS B 413 -3.72 27.50 -2.14
C LYS B 413 -3.56 28.95 -2.60
N PHE B 414 -3.91 29.29 -3.84
CA PHE B 414 -3.67 30.62 -4.37
C PHE B 414 -4.80 31.18 -5.21
N GLY B 415 -5.61 30.36 -5.89
CA GLY B 415 -6.71 30.85 -6.69
C GLY B 415 -7.85 31.45 -5.88
N ASN B 416 -8.83 31.98 -6.59
CA ASN B 416 -9.98 32.68 -6.03
C ASN B 416 -11.27 31.88 -6.15
N GLY B 417 -11.15 30.57 -6.27
CA GLY B 417 -12.35 29.74 -6.36
C GLY B 417 -12.15 28.45 -7.14
N THR B 418 -12.22 27.32 -6.46
CA THR B 418 -12.06 26.02 -7.10
C THR B 418 -13.37 25.26 -7.00
N TYR B 419 -13.83 24.70 -8.11
CA TYR B 419 -15.00 23.82 -8.07
C TYR B 419 -14.67 22.51 -8.77
N LEU B 420 -14.77 21.41 -8.04
CA LEU B 420 -14.23 20.13 -8.47
C LEU B 420 -15.32 19.09 -8.67
N TYR B 421 -15.25 18.35 -9.76
CA TYR B 421 -16.34 17.45 -10.12
C TYR B 421 -15.85 16.05 -10.43
N PHE B 422 -16.78 15.12 -10.35
CA PHE B 422 -16.52 13.70 -10.66
C PHE B 422 -17.67 13.23 -11.54
N PHE B 423 -17.45 13.23 -12.85
CA PHE B 423 -18.46 12.73 -13.76
C PHE B 423 -18.39 11.23 -13.77
N ASN B 424 -19.53 10.57 -13.55
CA ASN B 424 -19.53 9.10 -13.54
C ASN B 424 -20.86 8.56 -14.05
N HIS B 425 -21.43 9.21 -15.06
CA HIS B 425 -22.63 8.71 -15.70
C HIS B 425 -22.25 7.90 -16.94
N ARG B 426 -22.77 6.67 -17.01
CA ARG B 426 -22.59 5.85 -18.21
C ARG B 426 -23.75 6.10 -19.15
N ALA B 427 -23.48 6.78 -20.27
CA ALA B 427 -24.53 7.14 -21.20
C ALA B 427 -25.28 5.91 -21.71
N SER B 428 -26.62 6.02 -21.73
CA SER B 428 -27.45 4.87 -22.03
C SER B 428 -27.17 4.32 -23.42
N ASN B 429 -27.00 5.22 -24.40
CA ASN B 429 -26.77 4.86 -25.78
C ASN B 429 -25.28 4.72 -26.12
N LEU B 430 -24.46 4.30 -25.16
CA LEU B 430 -23.03 4.13 -25.40
C LEU B 430 -22.77 2.87 -26.23
N VAL B 431 -21.93 3.00 -27.25
CA VAL B 431 -21.68 1.90 -28.17
C VAL B 431 -20.67 0.92 -27.60
N TRP B 432 -19.75 1.39 -26.74
CA TRP B 432 -18.71 0.55 -26.19
C TRP B 432 -19.24 -0.43 -25.13
N PRO B 433 -18.46 -1.48 -24.82
CA PRO B 433 -18.92 -2.49 -23.84
C PRO B 433 -18.88 -2.00 -22.41
N GLU B 434 -19.73 -2.60 -21.57
CA GLU B 434 -19.97 -1.97 -20.29
C GLU B 434 -18.74 -2.06 -19.36
N TRP B 435 -17.81 -2.99 -19.62
CA TRP B 435 -16.62 -3.01 -18.78
C TRP B 435 -15.80 -1.74 -18.88
N MET B 436 -16.05 -0.89 -19.89
CA MET B 436 -15.27 0.33 -20.03
C MET B 436 -15.82 1.46 -19.19
N GLY B 437 -17.08 1.38 -18.76
CA GLY B 437 -17.59 2.36 -17.81
C GLY B 437 -17.73 3.76 -18.38
N VAL B 438 -17.37 4.75 -17.56
CA VAL B 438 -17.50 6.16 -17.93
C VAL B 438 -16.20 6.57 -18.62
N ILE B 439 -16.17 6.33 -19.94
CA ILE B 439 -14.95 6.39 -20.72
C ILE B 439 -14.39 7.80 -20.77
N HIS B 440 -13.05 7.90 -20.71
CA HIS B 440 -12.31 9.09 -21.09
C HIS B 440 -12.93 9.73 -22.32
N GLY B 441 -13.48 10.94 -22.14
CA GLY B 441 -13.94 11.74 -23.25
C GLY B 441 -15.43 11.85 -23.42
N TYR B 442 -16.24 11.14 -22.63
CA TYR B 442 -17.66 11.03 -22.91
C TYR B 442 -18.53 11.86 -21.98
N GLU B 443 -17.92 12.74 -21.18
CA GLU B 443 -18.66 13.86 -20.62
C GLU B 443 -18.93 14.94 -21.66
N ILE B 444 -18.15 14.96 -22.74
CA ILE B 444 -18.17 16.05 -23.70
C ILE B 444 -19.55 16.21 -24.34
N GLU B 445 -20.21 15.09 -24.63
CA GLU B 445 -21.54 15.17 -25.23
C GLU B 445 -22.51 15.93 -24.34
N PHE B 446 -22.30 15.88 -23.02
CA PHE B 446 -23.19 16.60 -22.10
C PHE B 446 -22.80 18.06 -21.97
N VAL B 447 -21.50 18.36 -21.92
CA VAL B 447 -21.04 19.74 -21.96
C VAL B 447 -21.63 20.48 -23.16
N PHE B 448 -21.73 19.79 -24.30
CA PHE B 448 -22.09 20.41 -25.57
C PHE B 448 -23.54 20.14 -25.95
N GLY B 449 -24.33 19.55 -25.05
CA GLY B 449 -25.77 19.53 -25.22
C GLY B 449 -26.33 18.58 -26.26
N LEU B 450 -25.55 17.61 -26.75
CA LEU B 450 -26.11 16.65 -27.68
C LEU B 450 -27.31 15.85 -27.15
N PRO B 451 -27.40 15.47 -25.88
CA PRO B 451 -28.64 14.81 -25.41
C PRO B 451 -29.90 15.60 -25.73
N LEU B 452 -29.76 16.88 -26.07
CA LEU B 452 -30.91 17.72 -26.37
C LEU B 452 -31.49 17.41 -27.74
N VAL B 453 -30.68 16.89 -28.66
CA VAL B 453 -31.16 16.39 -29.94
C VAL B 453 -31.96 15.11 -29.69
N LYS B 454 -33.21 15.09 -30.16
CA LYS B 454 -34.08 13.94 -29.88
C LYS B 454 -33.68 12.73 -30.72
N GLU B 455 -33.32 12.95 -31.99
CA GLU B 455 -32.97 11.82 -32.87
C GLU B 455 -31.73 11.06 -32.39
N LEU B 456 -30.92 11.66 -31.51
CA LEU B 456 -29.77 10.95 -30.93
C LEU B 456 -30.16 10.00 -29.82
N ASN B 457 -31.46 9.89 -29.52
CA ASN B 457 -32.05 8.89 -28.63
C ASN B 457 -31.31 8.83 -27.27
N TYR B 458 -31.32 9.96 -26.58
CA TYR B 458 -30.91 10.00 -25.18
C TYR B 458 -32.14 9.91 -24.29
N THR B 459 -31.94 9.44 -23.07
CA THR B 459 -33.04 9.37 -22.12
C THR B 459 -33.38 10.77 -21.64
N ALA B 460 -34.64 10.96 -21.27
CA ALA B 460 -35.05 12.25 -20.74
C ALA B 460 -34.19 12.67 -19.56
N GLU B 461 -33.77 11.69 -18.73
CA GLU B 461 -32.90 11.98 -17.60
C GLU B 461 -31.52 12.41 -18.05
N GLU B 462 -31.07 11.95 -19.22
CA GLU B 462 -29.79 12.40 -19.74
C GLU B 462 -29.86 13.82 -20.26
N GLU B 463 -31.01 14.19 -20.86
CA GLU B 463 -31.22 15.56 -21.32
C GLU B 463 -31.11 16.54 -20.17
N ALA B 464 -31.72 16.20 -19.03
CA ALA B 464 -31.68 17.08 -17.87
C ALA B 464 -30.24 17.25 -17.37
N LEU B 465 -29.48 16.16 -17.33
CA LEU B 465 -28.12 16.29 -16.83
C LEU B 465 -27.28 17.14 -17.78
N SER B 466 -27.52 17.03 -19.09
CA SER B 466 -26.80 17.90 -20.01
C SER B 466 -27.17 19.36 -19.79
N ARG B 467 -28.47 19.64 -19.67
CA ARG B 467 -28.93 21.01 -19.49
C ARG B 467 -28.33 21.66 -18.26
N ARG B 468 -28.34 20.97 -17.12
CA ARG B 468 -27.76 21.59 -15.94
C ARG B 468 -26.24 21.51 -15.92
N ILE B 469 -25.63 20.66 -16.75
CA ILE B 469 -24.17 20.71 -16.87
C ILE B 469 -23.74 21.93 -17.65
N MET B 470 -24.37 22.17 -18.81
CA MET B 470 -24.03 23.39 -19.53
C MET B 470 -24.31 24.64 -18.71
N HIS B 471 -25.38 24.63 -17.92
CA HIS B 471 -25.63 25.79 -17.07
C HIS B 471 -24.50 25.99 -16.06
N TYR B 472 -24.11 24.92 -15.33
CA TYR B 472 -22.91 24.98 -14.51
C TYR B 472 -21.75 25.59 -15.29
N TRP B 473 -21.44 25.02 -16.44
CA TRP B 473 -20.34 25.51 -17.26
C TRP B 473 -20.54 26.97 -17.63
N ALA B 474 -21.71 27.30 -18.15
CA ALA B 474 -21.94 28.66 -18.63
C ALA B 474 -22.07 29.64 -17.48
N THR B 475 -22.86 29.29 -16.45
CA THR B 475 -22.98 30.15 -15.29
C THR B 475 -21.61 30.41 -14.67
N PHE B 476 -20.77 29.38 -14.61
CA PHE B 476 -19.42 29.60 -14.10
C PHE B 476 -18.63 30.53 -15.01
N ALA B 477 -18.83 30.41 -16.34
CA ALA B 477 -18.04 31.21 -17.27
C ALA B 477 -18.31 32.70 -17.11
N LYS B 478 -19.54 33.09 -16.74
CA LYS B 478 -19.85 34.51 -16.51
C LYS B 478 -19.60 34.94 -15.07
N THR B 479 -20.20 34.25 -14.10
CA THR B 479 -20.13 34.67 -12.71
C THR B 479 -18.83 34.24 -12.04
N GLY B 480 -18.12 33.26 -12.60
CA GLY B 480 -17.03 32.66 -11.85
C GLY B 480 -17.47 31.68 -10.79
N ASN B 481 -18.74 31.24 -10.82
CA ASN B 481 -19.31 30.34 -9.82
C ASN B 481 -20.40 29.52 -10.49
N PRO B 482 -20.34 28.20 -10.39
CA PRO B 482 -21.33 27.34 -11.06
C PRO B 482 -22.75 27.68 -10.72
N ASN B 483 -23.01 28.19 -9.52
CA ASN B 483 -24.38 28.27 -9.03
C ASN B 483 -24.97 29.63 -9.29
N GLU B 484 -26.30 29.67 -9.36
CA GLU B 484 -27.02 30.93 -9.28
C GLU B 484 -27.29 31.23 -7.81
N PRO B 485 -26.73 32.30 -7.25
CA PRO B 485 -26.93 32.56 -5.83
C PRO B 485 -28.40 32.82 -5.53
N HIS B 486 -28.79 32.54 -4.29
CA HIS B 486 -30.17 32.60 -3.80
C HIS B 486 -31.17 32.10 -4.86
N SER B 487 -30.94 30.85 -5.29
CA SER B 487 -31.87 30.08 -6.09
C SER B 487 -32.06 28.72 -5.44
N GLN B 488 -33.08 27.98 -5.90
CA GLN B 488 -33.55 26.84 -5.13
C GLN B 488 -32.71 25.58 -5.33
N GLU B 489 -32.13 25.42 -6.51
CA GLU B 489 -31.41 24.19 -6.83
C GLU B 489 -30.26 23.94 -5.85
N SER B 490 -29.97 22.66 -5.59
CA SER B 490 -28.89 22.32 -4.66
C SER B 490 -27.57 22.90 -5.17
N LYS B 491 -26.69 23.27 -4.24
CA LYS B 491 -25.57 24.13 -4.57
C LYS B 491 -24.23 23.39 -4.50
N TRP B 492 -23.49 23.44 -5.61
CA TRP B 492 -22.14 22.91 -5.79
C TRP B 492 -21.16 23.66 -4.92
N PRO B 493 -20.59 23.02 -3.90
CA PRO B 493 -19.80 23.76 -2.92
C PRO B 493 -18.40 24.00 -3.42
N LEU B 494 -17.84 25.14 -3.02
CA LEU B 494 -16.44 25.44 -3.29
C LEU B 494 -15.55 24.32 -2.77
N PHE B 495 -14.44 24.10 -3.47
CA PHE B 495 -13.36 23.25 -3.01
C PHE B 495 -12.39 24.08 -2.17
N THR B 496 -12.29 23.76 -0.88
CA THR B 496 -11.42 24.50 0.03
C THR B 496 -10.24 23.63 0.45
N THR B 497 -9.13 24.29 0.81
CA THR B 497 -7.90 23.57 1.19
C THR B 497 -8.13 22.60 2.35
N LYS B 498 -9.11 22.86 3.20
CA LYS B 498 -9.31 22.04 4.39
C LYS B 498 -10.35 20.95 4.19
N GLU B 499 -11.50 21.31 3.63
CA GLU B 499 -12.54 20.31 3.46
C GLU B 499 -12.51 19.64 2.11
N GLN B 500 -11.81 20.23 1.13
CA GLN B 500 -11.68 19.72 -0.22
C GLN B 500 -12.89 18.89 -0.66
N LYS B 501 -14.04 19.55 -0.79
CA LYS B 501 -15.28 18.95 -1.24
C LYS B 501 -15.34 18.91 -2.77
N PHE B 502 -16.21 18.03 -3.27
CA PHE B 502 -16.50 17.92 -4.71
C PHE B 502 -17.84 17.20 -4.85
N ILE B 503 -18.39 17.25 -6.07
CA ILE B 503 -19.70 16.64 -6.29
C ILE B 503 -19.66 15.67 -7.48
N ASP B 504 -20.71 14.84 -7.53
CA ASP B 504 -20.90 13.87 -8.60
C ASP B 504 -21.77 14.50 -9.67
N LEU B 505 -21.33 14.40 -10.92
CA LEU B 505 -22.17 14.73 -12.05
C LEU B 505 -22.86 13.46 -12.53
N ASN B 506 -24.18 13.41 -12.41
CA ASN B 506 -24.97 12.32 -12.98
C ASN B 506 -26.47 12.60 -12.79
N THR B 507 -27.27 11.63 -13.21
CA THR B 507 -28.72 11.78 -13.21
C THR B 507 -29.33 11.85 -11.82
N GLU B 508 -28.60 11.55 -10.76
CA GLU B 508 -29.24 11.54 -9.45
C GLU B 508 -29.11 12.88 -8.76
N PRO B 509 -29.98 13.16 -7.78
CA PRO B 509 -29.79 14.34 -6.92
C PRO B 509 -28.35 14.47 -6.43
N MET B 510 -27.92 15.73 -6.26
CA MET B 510 -26.51 16.01 -6.13
C MET B 510 -25.97 15.51 -4.81
N LYS B 511 -24.77 14.93 -4.85
CA LYS B 511 -24.03 14.51 -3.65
C LYS B 511 -22.79 15.36 -3.48
N VAL B 512 -22.42 15.62 -2.24
CA VAL B 512 -21.14 16.20 -1.93
C VAL B 512 -20.26 15.10 -1.35
N HIS B 513 -19.00 15.06 -1.78
CA HIS B 513 -18.04 14.17 -1.17
C HIS B 513 -16.79 14.97 -0.82
N GLN B 514 -15.85 14.27 -0.16
CA GLN B 514 -14.68 14.87 0.44
C GLN B 514 -13.48 14.02 0.04
N ARG B 515 -12.38 14.66 -0.31
CA ARG B 515 -11.16 13.96 -0.71
C ARG B 515 -11.38 12.95 -1.84
N LEU B 516 -11.20 13.39 -3.07
CA LEU B 516 -11.38 12.53 -4.23
C LEU B 516 -10.20 11.57 -4.33
N ARG B 517 -10.47 10.28 -4.04
CA ARG B 517 -9.49 9.19 -4.19
C ARG B 517 -8.17 9.52 -3.53
N VAL B 518 -8.24 9.96 -2.29
CA VAL B 518 -7.03 10.42 -1.62
C VAL B 518 -6.03 9.26 -1.45
N GLN B 519 -6.49 8.11 -0.94
CA GLN B 519 -5.53 7.04 -0.58
C GLN B 519 -4.66 6.65 -1.76
N MET B 520 -5.27 6.39 -2.91
CA MET B 520 -4.45 6.09 -4.08
C MET B 520 -3.66 7.31 -4.49
N CYS B 521 -4.26 8.50 -4.39
CA CYS B 521 -3.51 9.68 -4.76
C CYS B 521 -2.33 9.95 -3.82
N VAL B 522 -2.46 9.74 -2.51
CA VAL B 522 -1.29 9.82 -1.65
C VAL B 522 -0.18 8.91 -2.17
N PHE B 523 -0.54 7.70 -2.60
CA PHE B 523 0.46 6.82 -3.19
C PHE B 523 1.08 7.45 -4.43
N TRP B 524 0.25 7.89 -5.37
CA TRP B 524 0.75 8.31 -6.67
C TRP B 524 1.48 9.65 -6.59
N ASN B 525 1.16 10.48 -5.59
CA ASN B 525 1.69 11.83 -5.54
C ASN B 525 2.82 12.02 -4.56
N GLN B 526 2.80 11.31 -3.44
CA GLN B 526 3.86 11.50 -2.46
C GLN B 526 4.78 10.30 -2.32
N PHE B 527 4.24 9.07 -2.28
CA PHE B 527 5.10 7.94 -1.94
C PHE B 527 5.83 7.40 -3.17
N LEU B 528 5.10 7.00 -4.22
CA LEU B 528 5.81 6.44 -5.36
C LEU B 528 6.88 7.35 -5.92
N PRO B 529 6.62 8.66 -6.13
CA PRO B 529 7.72 9.52 -6.60
C PRO B 529 8.91 9.47 -5.67
N LYS B 530 8.66 9.41 -4.37
CA LYS B 530 9.77 9.28 -3.41
C LYS B 530 10.51 7.97 -3.62
N LEU B 531 9.78 6.88 -3.89
CA LEU B 531 10.40 5.57 -4.06
C LEU B 531 11.37 5.58 -5.24
N LEU B 532 11.02 6.31 -6.30
CA LEU B 532 11.78 6.30 -7.54
C LEU B 532 13.02 7.17 -7.48
N ASN B 533 13.00 8.22 -6.66
CA ASN B 533 14.21 9.00 -6.45
C ASN B 533 15.31 8.13 -5.85
N ALA B 534 14.98 7.37 -4.83
CA ALA B 534 15.97 6.59 -4.11
C ALA B 534 16.52 5.44 -4.94
N THR B 535 17.77 5.06 -4.64
CA THR B 535 18.28 3.72 -4.92
C THR B 535 19.14 3.28 -3.74
C1 NAG C . 10.03 -32.03 51.47
C2 NAG C . 9.82 -32.48 52.91
C3 NAG C . 8.62 -31.77 53.52
C4 NAG C . 8.78 -30.26 53.40
C5 NAG C . 8.98 -29.88 51.93
C6 NAG C . 9.22 -28.40 51.72
C7 NAG C . 10.63 -34.77 53.33
C8 NAG C . 10.25 -36.22 53.37
N2 NAG C . 9.66 -33.93 53.00
O3 NAG C . 8.48 -32.12 54.89
O4 NAG C . 7.63 -29.61 53.95
O5 NAG C . 10.12 -30.58 51.42
O6 NAG C . 9.51 -27.70 52.93
O7 NAG C . 11.77 -34.40 53.57
C1 NAG D . 3.07 -37.73 5.65
C2 NAG D . 2.12 -37.37 4.49
C3 NAG D . 1.44 -38.62 3.91
C4 NAG D . 2.48 -39.68 3.55
C5 NAG D . 3.33 -40.01 4.78
C6 NAG D . 4.45 -40.99 4.49
C7 NAG D . 1.24 -35.07 4.88
C8 NAG D . 0.08 -34.27 5.38
N2 NAG D . 1.10 -36.41 4.93
O3 NAG D . 0.71 -38.28 2.74
O4 NAG D . 1.84 -40.84 3.04
O5 NAG D . 3.97 -38.79 5.23
O6 NAG D . 5.71 -40.36 4.30
O7 NAG D . 2.28 -34.54 4.47
C1 E2W E . 10.98 -2.55 27.96
C10 E2W E . 11.76 2.54 28.42
C11 E2W E . 15.86 1.17 30.15
C12 E2W E . 16.58 2.22 29.40
C13 E2W E . 17.01 1.72 28.03
C14 E2W E . 15.81 1.14 27.23
C15 E2W E . 13.55 0.44 32.60
C16 E2W E . 12.66 -0.05 33.81
C17 E2W E . 11.37 0.78 34.10
C18 E2W E . 11.04 1.97 33.19
C19 E2W E . 10.66 1.63 31.79
C2 E2W E . 11.09 -2.71 29.35
C20 E2W E . 9.62 0.69 31.58
C21 E2W E . 9.27 0.37 30.28
C22 E2W E . 9.97 0.96 29.23
C23 E2W E . 11.01 1.89 29.50
C3 E2W E . 12.04 -2.05 30.07
C4 E2W E . 12.95 -1.20 29.41
C5 E2W E . 12.88 -1.02 28.02
C6 E2W E . 11.87 -1.73 27.31
C7 E2W E . 13.96 -0.50 30.16
C8 E2W E . 14.79 0.39 29.47
C9 E2W E . 14.67 0.51 28.04
N10 E2W E . 13.75 -0.19 27.33
N11 E2W E . 13.90 -0.61 31.58
N24 E2W E . 11.35 2.20 30.76
N25 E2W E . 11.53 2.70 27.15
O25 E2W E . 10.42 2.17 26.64
O26 E2W E . 9.67 0.68 27.91
CL2 E2W E . 9.99 -3.75 30.16
C1 NAG F . -19.86 29.77 -49.42
C2 NAG F . -20.75 30.26 -50.56
C3 NAG F . -22.08 29.51 -50.53
C4 NAG F . -21.85 28.01 -50.61
C5 NAG F . -20.93 27.57 -49.46
C6 NAG F . -20.53 26.11 -49.52
C7 NAG F . -20.32 32.58 -51.27
C8 NAG F . -20.70 34.02 -51.07
N2 NAG F . -20.98 31.69 -50.50
O3 NAG F . -22.90 29.94 -51.61
O4 NAG F . -23.09 27.32 -50.56
O5 NAG F . -19.70 28.33 -49.49
O6 NAG F . -20.49 25.60 -50.86
O7 NAG F . -19.47 32.23 -52.08
C1 NAG G . -11.47 36.31 -3.93
C2 NAG G . -11.98 35.68 -2.61
C3 NAG G . -12.77 36.72 -1.77
C4 NAG G . -11.99 38.03 -1.63
C5 NAG G . -11.66 38.53 -3.03
C6 NAG G . -10.88 39.83 -3.03
C7 NAG G . -12.35 33.25 -2.80
C8 NAG G . -13.34 32.18 -3.15
N2 NAG G . -12.81 34.51 -2.91
O3 NAG G . -13.09 36.19 -0.49
O4 NAG G . -12.74 39.00 -0.91
O5 NAG G . -10.84 37.55 -3.68
O6 NAG G . -9.89 39.83 -4.05
O7 NAG G . -11.21 32.98 -2.42
C1 E2W H . -0.64 4.15 -29.51
C10 E2W H . -1.78 0.66 -30.00
C11 E2W H . 3.63 1.87 -33.82
C12 E2W H . 4.90 1.10 -33.51
C13 E2W H . 5.60 1.58 -32.29
C14 E2W H . 4.62 1.61 -31.11
C15 E2W H . 0.42 2.04 -35.16
C16 E2W H . -1.09 1.59 -35.10
C17 E2W H . -1.27 0.12 -34.75
C18 E2W H . -0.01 -0.59 -34.26
C19 E2W H . 0.20 -0.56 -32.80
C2 E2W H . -1.18 4.26 -30.77
C20 E2W H . 1.36 -1.08 -32.21
C21 E2W H . 1.51 -1.03 -30.84
C22 E2W H . 0.49 -0.46 -30.09
C23 E2W H . -0.67 0.03 -30.74
C3 E2W H . -0.52 3.84 -31.89
C4 E2W H . 0.77 3.30 -31.76
C5 E2W H . 1.34 3.18 -30.50
C6 E2W H . 0.61 3.61 -29.35
C7 E2W H . 1.48 2.85 -32.90
C8 E2W H . 2.77 2.34 -32.70
C9 E2W H . 3.33 2.33 -31.37
N10 E2W H . 2.61 2.64 -30.30
N11 E2W H . 0.87 3.05 -34.16
N24 E2W H . -0.80 -0.01 -32.08
N25 E2W H . -1.99 1.03 -28.77
O25 E2W H . -1.05 0.84 -27.85
O26 E2W H . 0.54 -0.37 -28.74
CL2 E2W H . -2.72 4.93 -30.95
CL CL I . -16.62 -0.82 -14.22
#